data_7K09
#
_entry.id   7K09
#
_cell.length_a   149.074
_cell.length_b   73.63
_cell.length_c   106.242
_cell.angle_alpha   90
_cell.angle_beta   90
_cell.angle_gamma   90
#
_symmetry.space_group_name_H-M   'P 21 21 2'
#
loop_
_entity.id
_entity.type
_entity.pdbx_description
1 polymer 'Puromycin N-acetyltransferase'
2 non-polymer 'ACETYL COENZYME *A'
3 water water
#
_entity_poly.entity_id   1
_entity_poly.type   'polypeptide(L)'
_entity_poly.pdbx_seq_one_letter_code
;MGSTEYKPTVRLATRDDVPRAVRTLAAAFADYPATRHTVDPDRHIERVTELQELFLTRVGLDIGKVWVADDGAAVAVWTT
PESVEAGAVFAEIGPRMAELSGSRLAAQQQMEGLLAPHRPKEPAWFLATVGVSPDHQGKGLGSAVVLPGVEAAERAGVPA
FLETSAPRNLPFYERLGFTVTADVEVPEGPRTWCMTRKPGASHHHHHH
;
_entity_poly.pdbx_strand_id   A,B,C,D,E,F
#
# COMPACT_ATOMS: atom_id res chain seq x y z
N PRO A 8 20.07 -6.62 -5.87
CA PRO A 8 18.95 -7.32 -6.53
C PRO A 8 18.83 -8.83 -6.17
N THR A 9 18.42 -9.11 -4.92
CA THR A 9 18.25 -10.44 -4.31
C THR A 9 16.81 -10.91 -4.49
N VAL A 10 16.63 -11.98 -5.31
CA VAL A 10 15.33 -12.55 -5.65
C VAL A 10 15.15 -13.87 -4.93
N ARG A 11 13.95 -14.08 -4.35
CA ARG A 11 13.61 -15.31 -3.63
C ARG A 11 12.07 -15.47 -3.52
N LEU A 12 11.63 -16.65 -3.12
CA LEU A 12 10.20 -16.90 -2.92
C LEU A 12 9.68 -16.13 -1.71
N ALA A 13 8.39 -15.76 -1.72
CA ALA A 13 7.78 -14.97 -0.66
C ALA A 13 7.27 -15.77 0.54
N THR A 14 7.22 -15.08 1.71
CA THR A 14 6.66 -15.58 2.96
C THR A 14 5.51 -14.63 3.40
N ARG A 15 4.66 -15.07 4.36
CA ARG A 15 3.52 -14.29 4.86
C ARG A 15 3.98 -12.96 5.47
N ASP A 16 5.22 -12.94 6.02
CA ASP A 16 5.86 -11.78 6.65
C ASP A 16 6.16 -10.65 5.62
N ASP A 17 6.25 -11.02 4.34
CA ASP A 17 6.52 -10.13 3.22
C ASP A 17 5.26 -9.42 2.68
N VAL A 18 4.06 -9.99 2.93
CA VAL A 18 2.79 -9.50 2.40
C VAL A 18 2.63 -7.95 2.52
N PRO A 19 2.85 -7.34 3.69
CA PRO A 19 2.65 -5.87 3.81
C PRO A 19 3.43 -5.01 2.80
N ARG A 20 4.74 -5.24 2.63
CA ARG A 20 5.54 -4.44 1.69
C ARG A 20 5.09 -4.76 0.24
N ALA A 21 4.86 -6.05 -0.05
CA ALA A 21 4.40 -6.55 -1.35
C ALA A 21 3.12 -5.82 -1.80
N VAL A 22 2.10 -5.74 -0.91
CA VAL A 22 0.80 -5.13 -1.19
C VAL A 22 0.97 -3.61 -1.43
N ARG A 23 1.88 -2.94 -0.65
CA ARG A 23 2.19 -1.51 -0.82
C ARG A 23 2.76 -1.29 -2.22
N THR A 24 3.69 -2.15 -2.62
CA THR A 24 4.33 -2.11 -3.93
C THR A 24 3.28 -2.32 -5.06
N LEU A 25 2.41 -3.35 -4.93
CA LEU A 25 1.39 -3.63 -5.95
C LEU A 25 0.36 -2.49 -6.06
N ALA A 26 -0.07 -1.94 -4.93
CA ALA A 26 -1.02 -0.84 -4.93
C ALA A 26 -0.41 0.40 -5.65
N ALA A 27 0.85 0.74 -5.33
CA ALA A 27 1.53 1.89 -5.93
C ALA A 27 1.83 1.67 -7.42
N ALA A 28 2.23 0.45 -7.80
CA ALA A 28 2.54 0.11 -9.18
C ALA A 28 1.30 0.15 -10.08
N PHE A 29 0.13 -0.27 -9.56
CA PHE A 29 -1.13 -0.30 -10.32
C PHE A 29 -2.04 0.93 -10.16
N ALA A 30 -1.51 1.99 -9.52
CA ALA A 30 -2.26 3.22 -9.30
C ALA A 30 -2.88 3.79 -10.60
N ASP A 31 -2.12 3.81 -11.72
CA ASP A 31 -2.62 4.36 -13.00
C ASP A 31 -2.62 3.32 -14.13
N TYR A 32 -2.80 2.04 -13.81
CA TYR A 32 -2.80 0.99 -14.82
C TYR A 32 -4.12 1.01 -15.61
N PRO A 33 -4.09 0.99 -16.97
CA PRO A 33 -5.35 1.08 -17.73
C PRO A 33 -6.42 0.03 -17.43
N ALA A 34 -6.02 -1.24 -17.25
CA ALA A 34 -6.97 -2.30 -17.00
C ALA A 34 -7.66 -2.13 -15.64
N THR A 35 -6.90 -1.71 -14.62
CA THR A 35 -7.41 -1.51 -13.26
C THR A 35 -8.36 -0.31 -13.21
N ARG A 36 -7.98 0.75 -13.92
CA ARG A 36 -8.82 1.93 -14.02
C ARG A 36 -10.15 1.62 -14.75
N HIS A 37 -10.12 0.71 -15.71
CA HIS A 37 -11.32 0.31 -16.44
C HIS A 37 -12.22 -0.64 -15.63
N THR A 38 -11.62 -1.51 -14.81
CA THR A 38 -12.36 -2.56 -14.12
C THR A 38 -12.62 -2.37 -12.62
N VAL A 39 -12.04 -1.34 -11.97
CA VAL A 39 -12.24 -1.13 -10.53
C VAL A 39 -12.87 0.25 -10.33
N ASP A 40 -13.92 0.33 -9.46
CA ASP A 40 -14.67 1.55 -9.11
C ASP A 40 -13.74 2.73 -8.81
N PRO A 41 -14.02 3.91 -9.39
CA PRO A 41 -13.16 5.07 -9.10
C PRO A 41 -13.31 5.64 -7.69
N ASP A 42 -14.44 5.33 -7.02
CA ASP A 42 -14.71 5.78 -5.64
C ASP A 42 -13.80 4.98 -4.71
N ARG A 43 -12.90 5.64 -3.95
CA ARG A 43 -11.93 4.97 -3.05
C ARG A 43 -11.10 3.96 -3.85
N HIS A 44 -10.71 4.35 -5.07
CA HIS A 44 -10.04 3.49 -6.03
C HIS A 44 -8.79 2.79 -5.46
N ILE A 45 -7.81 3.55 -4.89
CA ILE A 45 -6.57 2.92 -4.39
C ILE A 45 -6.85 1.94 -3.26
N GLU A 46 -7.81 2.28 -2.37
CA GLU A 46 -8.21 1.40 -1.28
C GLU A 46 -8.77 0.08 -1.85
N ARG A 47 -9.63 0.15 -2.89
CA ARG A 47 -10.23 -1.01 -3.53
C ARG A 47 -9.18 -1.88 -4.23
N VAL A 48 -8.26 -1.23 -4.96
CA VAL A 48 -7.16 -1.90 -5.68
C VAL A 48 -6.22 -2.57 -4.68
N THR A 49 -5.93 -1.92 -3.54
CA THR A 49 -5.06 -2.48 -2.51
C THR A 49 -5.66 -3.75 -1.92
N GLU A 50 -6.99 -3.76 -1.67
CA GLU A 50 -7.62 -4.97 -1.13
C GLU A 50 -7.62 -6.10 -2.16
N LEU A 51 -7.86 -5.79 -3.45
CA LEU A 51 -7.83 -6.81 -4.51
C LEU A 51 -6.44 -7.44 -4.61
N GLN A 52 -5.38 -6.62 -4.55
CA GLN A 52 -4.00 -7.11 -4.63
C GLN A 52 -3.68 -7.96 -3.41
N GLU A 53 -4.15 -7.56 -2.22
CA GLU A 53 -3.94 -8.34 -1.00
C GLU A 53 -4.66 -9.68 -1.10
N LEU A 54 -5.91 -9.64 -1.56
CA LEU A 54 -6.76 -10.81 -1.68
C LEU A 54 -6.19 -11.84 -2.64
N PHE A 55 -5.60 -11.36 -3.75
CA PHE A 55 -5.01 -12.23 -4.74
C PHE A 55 -3.65 -12.73 -4.25
N LEU A 56 -2.82 -11.85 -3.67
CA LEU A 56 -1.48 -12.20 -3.19
C LEU A 56 -1.53 -13.31 -2.15
N THR A 57 -2.46 -13.21 -1.20
CA THR A 57 -2.55 -14.15 -0.09
C THR A 57 -3.36 -15.41 -0.45
N ARG A 58 -4.66 -15.26 -0.74
CA ARG A 58 -5.58 -16.36 -0.99
C ARG A 58 -5.29 -17.15 -2.27
N VAL A 59 -4.65 -16.52 -3.28
CA VAL A 59 -4.34 -17.20 -4.53
C VAL A 59 -2.81 -17.43 -4.62
N GLY A 60 -2.00 -16.37 -4.69
CA GLY A 60 -0.56 -16.45 -4.80
C GLY A 60 0.10 -17.35 -3.78
N LEU A 61 0.08 -16.95 -2.52
CA LEU A 61 0.74 -17.73 -1.47
C LEU A 61 0.06 -19.07 -1.20
N ASP A 62 -1.28 -19.09 -1.13
CA ASP A 62 -2.00 -20.34 -0.84
C ASP A 62 -1.87 -21.43 -1.93
N ILE A 63 -2.13 -21.11 -3.22
CA ILE A 63 -2.14 -22.12 -4.28
C ILE A 63 -1.23 -21.84 -5.51
N GLY A 64 -0.64 -20.65 -5.60
CA GLY A 64 0.24 -20.29 -6.71
C GLY A 64 1.69 -20.23 -6.28
N LYS A 65 2.49 -19.38 -6.93
CA LYS A 65 3.92 -19.16 -6.64
C LYS A 65 4.19 -17.67 -6.64
N VAL A 66 4.83 -17.14 -5.59
CA VAL A 66 5.12 -15.72 -5.47
C VAL A 66 6.61 -15.50 -5.23
N TRP A 67 7.21 -14.60 -6.01
CA TRP A 67 8.60 -14.17 -5.85
C TRP A 67 8.64 -12.70 -5.48
N VAL A 68 9.72 -12.27 -4.84
CA VAL A 68 9.96 -10.89 -4.42
C VAL A 68 11.45 -10.56 -4.63
N ALA A 69 11.77 -9.29 -4.90
CA ALA A 69 13.14 -8.79 -5.00
C ALA A 69 13.30 -7.67 -3.98
N ASP A 70 14.43 -7.69 -3.25
CA ASP A 70 14.76 -6.70 -2.24
C ASP A 70 13.64 -6.53 -1.19
N ASP A 71 13.24 -7.69 -0.65
CA ASP A 71 12.22 -7.85 0.39
C ASP A 71 10.84 -7.24 0.06
N GLY A 72 10.47 -7.22 -1.21
CA GLY A 72 9.16 -6.73 -1.63
C GLY A 72 9.16 -5.43 -2.41
N ALA A 73 10.36 -4.92 -2.79
CA ALA A 73 10.47 -3.74 -3.65
C ALA A 73 9.83 -4.06 -5.06
N ALA A 74 9.88 -5.35 -5.46
CA ALA A 74 9.20 -5.91 -6.62
C ALA A 74 8.58 -7.26 -6.23
N VAL A 75 7.47 -7.62 -6.89
CA VAL A 75 6.68 -8.84 -6.64
C VAL A 75 6.22 -9.42 -7.98
N ALA A 76 6.09 -10.74 -8.04
CA ALA A 76 5.57 -11.47 -9.20
C ALA A 76 4.70 -12.60 -8.65
N VAL A 77 3.43 -12.67 -9.08
CA VAL A 77 2.47 -13.68 -8.65
C VAL A 77 2.09 -14.55 -9.86
N TRP A 78 2.23 -15.88 -9.73
CA TRP A 78 1.91 -16.84 -10.80
C TRP A 78 0.93 -17.87 -10.30
N THR A 79 0.13 -18.41 -11.21
CA THR A 79 -0.70 -19.58 -10.97
C THR A 79 -0.11 -20.59 -11.94
N THR A 80 0.10 -21.79 -11.45
CA THR A 80 0.78 -22.85 -12.20
C THR A 80 -0.21 -23.98 -12.52
N PRO A 81 0.20 -24.99 -13.31
CA PRO A 81 -0.68 -26.17 -13.51
C PRO A 81 -0.92 -26.98 -12.19
N GLU A 82 -0.04 -26.73 -11.16
CA GLU A 82 -0.10 -27.30 -9.81
C GLU A 82 -1.14 -26.54 -8.92
N SER A 83 -1.78 -25.41 -9.42
CA SER A 83 -2.76 -24.59 -8.65
C SER A 83 -4.16 -25.20 -8.78
N VAL A 84 -4.33 -26.35 -8.16
CA VAL A 84 -5.54 -27.18 -8.24
C VAL A 84 -6.85 -26.66 -7.50
N GLU A 85 -6.82 -25.99 -6.30
CA GLU A 85 -8.13 -25.55 -5.74
C GLU A 85 -8.52 -24.15 -6.18
N ALA A 86 -7.87 -23.61 -7.29
CA ALA A 86 -8.40 -22.42 -7.98
C ALA A 86 -9.78 -22.88 -8.50
N GLY A 87 -10.83 -22.28 -7.97
CA GLY A 87 -12.19 -22.72 -8.23
C GLY A 87 -12.94 -22.72 -6.92
N ALA A 88 -12.39 -23.45 -5.95
CA ALA A 88 -12.89 -23.46 -4.56
C ALA A 88 -12.49 -22.11 -3.89
N VAL A 89 -11.25 -21.65 -4.18
CA VAL A 89 -10.72 -20.36 -3.71
C VAL A 89 -11.57 -19.20 -4.32
N PHE A 90 -11.96 -19.38 -5.59
CA PHE A 90 -12.78 -18.43 -6.31
C PHE A 90 -14.20 -18.34 -5.73
N ALA A 91 -14.76 -19.42 -5.14
CA ALA A 91 -16.08 -19.34 -4.48
C ALA A 91 -15.96 -18.59 -3.13
N GLU A 92 -14.76 -18.53 -2.54
CA GLU A 92 -14.56 -17.82 -1.29
C GLU A 92 -14.43 -16.32 -1.56
N ILE A 93 -13.40 -15.95 -2.35
CA ILE A 93 -13.03 -14.55 -2.59
C ILE A 93 -13.81 -13.90 -3.74
N GLY A 94 -14.37 -14.71 -4.65
CA GLY A 94 -15.11 -14.19 -5.80
C GLY A 94 -16.14 -13.12 -5.52
N PRO A 95 -17.16 -13.40 -4.67
CA PRO A 95 -18.18 -12.36 -4.39
C PRO A 95 -17.64 -11.03 -3.79
N ARG A 96 -16.57 -11.11 -2.97
CA ARG A 96 -15.94 -9.92 -2.40
C ARG A 96 -15.20 -9.10 -3.49
N MET A 97 -14.60 -9.79 -4.43
CA MET A 97 -13.91 -9.16 -5.54
C MET A 97 -14.90 -8.39 -6.43
N ALA A 98 -16.11 -8.94 -6.59
CA ALA A 98 -17.16 -8.28 -7.35
C ALA A 98 -17.61 -7.00 -6.64
N GLU A 99 -17.73 -7.05 -5.29
CA GLU A 99 -18.06 -5.89 -4.46
C GLU A 99 -16.97 -4.80 -4.67
N LEU A 100 -15.68 -5.19 -4.62
CA LEU A 100 -14.57 -4.25 -4.81
C LEU A 100 -14.56 -3.64 -6.21
N SER A 101 -14.98 -4.41 -7.24
CA SER A 101 -15.08 -3.86 -8.60
C SER A 101 -16.14 -2.71 -8.64
N GLY A 102 -17.21 -2.88 -7.84
CA GLY A 102 -18.27 -1.90 -7.72
C GLY A 102 -18.98 -1.64 -9.03
N SER A 103 -19.12 -0.35 -9.36
CA SER A 103 -19.78 0.14 -10.58
C SER A 103 -19.13 -0.40 -11.88
N ARG A 104 -17.84 -0.78 -11.82
CA ARG A 104 -17.08 -1.29 -12.97
C ARG A 104 -17.15 -2.82 -13.14
N LEU A 105 -18.13 -3.50 -12.47
CA LEU A 105 -18.27 -4.94 -12.60
C LEU A 105 -18.71 -5.36 -14.00
N ALA A 106 -19.60 -4.57 -14.63
CA ALA A 106 -20.04 -4.88 -15.98
C ALA A 106 -18.89 -4.78 -16.97
N ALA A 107 -18.02 -3.76 -16.79
CA ALA A 107 -16.84 -3.54 -17.63
C ALA A 107 -15.82 -4.67 -17.46
N GLN A 108 -15.61 -5.10 -16.21
CA GLN A 108 -14.71 -6.21 -15.89
C GLN A 108 -15.22 -7.50 -16.57
N GLN A 109 -16.52 -7.77 -16.44
CA GLN A 109 -17.14 -8.96 -17.02
C GLN A 109 -17.13 -8.93 -18.54
N GLN A 110 -17.34 -7.77 -19.14
CA GLN A 110 -17.26 -7.60 -20.59
C GLN A 110 -15.84 -7.95 -21.07
N MET A 111 -14.83 -7.38 -20.39
CA MET A 111 -13.43 -7.58 -20.72
C MET A 111 -12.98 -9.05 -20.58
N GLU A 112 -13.50 -9.74 -19.57
CA GLU A 112 -13.21 -11.15 -19.38
C GLU A 112 -13.72 -11.99 -20.54
N GLY A 113 -14.89 -11.67 -21.06
CA GLY A 113 -15.47 -12.35 -22.21
C GLY A 113 -14.68 -12.17 -23.50
N LEU A 114 -13.99 -11.03 -23.63
CA LEU A 114 -13.16 -10.75 -24.80
C LEU A 114 -11.81 -11.47 -24.72
N LEU A 115 -11.26 -11.62 -23.52
CA LEU A 115 -9.94 -12.24 -23.30
C LEU A 115 -9.98 -13.75 -23.13
N ALA A 116 -11.09 -14.28 -22.58
CA ALA A 116 -11.21 -15.72 -22.33
C ALA A 116 -10.86 -16.60 -23.54
N PRO A 117 -11.33 -16.27 -24.75
CA PRO A 117 -10.99 -17.13 -25.91
C PRO A 117 -9.49 -17.21 -26.24
N HIS A 118 -8.73 -16.20 -25.86
CA HIS A 118 -7.30 -16.14 -26.17
C HIS A 118 -6.39 -16.72 -25.11
N ARG A 119 -6.98 -17.26 -24.02
CA ARG A 119 -6.23 -17.86 -22.94
C ARG A 119 -5.91 -19.32 -23.31
N PRO A 120 -4.77 -19.90 -22.84
CA PRO A 120 -4.47 -21.29 -23.20
C PRO A 120 -5.44 -22.23 -22.52
N LYS A 121 -6.10 -23.10 -23.30
CA LYS A 121 -6.96 -24.15 -22.73
C LYS A 121 -6.10 -25.35 -22.19
N GLU A 122 -4.79 -25.40 -22.54
CA GLU A 122 -3.85 -26.42 -22.08
C GLU A 122 -3.18 -25.98 -20.74
N PRO A 123 -2.49 -26.90 -20.02
CA PRO A 123 -1.81 -26.49 -18.78
C PRO A 123 -0.73 -25.44 -19.05
N ALA A 124 -0.67 -24.40 -18.22
CA ALA A 124 0.27 -23.31 -18.42
C ALA A 124 0.52 -22.53 -17.12
N TRP A 125 1.64 -21.79 -17.07
CA TRP A 125 1.97 -20.89 -15.98
C TRP A 125 1.46 -19.49 -16.40
N PHE A 126 0.59 -18.88 -15.57
CA PHE A 126 0.02 -17.58 -15.83
C PHE A 126 0.62 -16.57 -14.92
N LEU A 127 1.15 -15.45 -15.49
CA LEU A 127 1.62 -14.36 -14.65
C LEU A 127 0.40 -13.53 -14.26
N ALA A 128 -0.09 -13.73 -13.02
CA ALA A 128 -1.29 -13.09 -12.52
C ALA A 128 -1.08 -11.56 -12.42
N THR A 129 0.04 -11.18 -11.78
CA THR A 129 0.38 -9.79 -11.60
C THR A 129 1.86 -9.66 -11.30
N VAL A 130 2.41 -8.52 -11.67
CA VAL A 130 3.80 -8.16 -11.40
C VAL A 130 3.83 -6.65 -11.16
N GLY A 131 4.55 -6.24 -10.13
CA GLY A 131 4.68 -4.84 -9.79
C GLY A 131 6.03 -4.51 -9.20
N VAL A 132 6.50 -3.30 -9.50
CA VAL A 132 7.75 -2.76 -8.99
C VAL A 132 7.37 -1.41 -8.40
N SER A 133 7.90 -1.10 -7.19
CA SER A 133 7.66 0.19 -6.54
C SER A 133 8.05 1.33 -7.50
N PRO A 134 7.17 2.31 -7.77
CA PRO A 134 7.50 3.37 -8.73
C PRO A 134 8.89 4.00 -8.64
N ASP A 135 9.42 4.16 -7.42
CA ASP A 135 10.74 4.76 -7.20
C ASP A 135 11.91 3.80 -7.57
N HIS A 136 11.62 2.49 -7.73
CA HIS A 136 12.56 1.46 -8.13
C HIS A 136 12.32 0.93 -9.55
N GLN A 137 11.43 1.57 -10.32
CA GLN A 137 11.17 1.13 -11.68
C GLN A 137 12.36 1.52 -12.57
N GLY A 138 12.55 0.76 -13.65
CA GLY A 138 13.63 0.97 -14.61
C GLY A 138 15.01 0.51 -14.16
N LYS A 139 15.14 -0.07 -12.95
CA LYS A 139 16.43 -0.54 -12.43
C LYS A 139 16.68 -2.05 -12.64
N GLY A 140 15.82 -2.74 -13.37
CA GLY A 140 15.97 -4.17 -13.66
C GLY A 140 15.28 -5.12 -12.69
N LEU A 141 14.54 -4.59 -11.70
CA LEU A 141 13.88 -5.45 -10.70
C LEU A 141 12.77 -6.31 -11.29
N GLY A 142 11.97 -5.73 -12.20
CA GLY A 142 10.88 -6.44 -12.86
C GLY A 142 11.35 -7.67 -13.61
N SER A 143 12.43 -7.52 -14.36
CA SER A 143 12.98 -8.65 -15.11
C SER A 143 13.46 -9.74 -14.18
N ALA A 144 14.10 -9.35 -13.06
CA ALA A 144 14.64 -10.29 -12.09
C ALA A 144 13.57 -11.08 -11.34
N VAL A 145 12.43 -10.45 -10.99
CA VAL A 145 11.35 -11.17 -10.26
C VAL A 145 10.58 -12.13 -11.13
N VAL A 146 10.40 -11.79 -12.42
CA VAL A 146 9.64 -12.63 -13.34
C VAL A 146 10.44 -13.79 -13.91
N LEU A 147 11.77 -13.64 -14.02
CA LEU A 147 12.63 -14.65 -14.60
C LEU A 147 12.51 -16.05 -13.97
N PRO A 148 12.48 -16.19 -12.62
CA PRO A 148 12.33 -17.53 -12.03
C PRO A 148 11.07 -18.27 -12.49
N GLY A 149 9.94 -17.57 -12.57
CA GLY A 149 8.70 -18.17 -13.02
C GLY A 149 8.76 -18.58 -14.49
N VAL A 150 9.44 -17.76 -15.31
CA VAL A 150 9.66 -18.03 -16.73
C VAL A 150 10.54 -19.29 -16.89
N GLU A 151 11.62 -19.40 -16.08
CA GLU A 151 12.50 -20.57 -16.11
C GLU A 151 11.76 -21.82 -15.61
N ALA A 152 10.91 -21.66 -14.58
CA ALA A 152 10.11 -22.75 -14.04
C ALA A 152 9.11 -23.29 -15.07
N ALA A 153 8.45 -22.41 -15.83
CA ALA A 153 7.50 -22.82 -16.87
C ALA A 153 8.22 -23.61 -17.96
N GLU A 154 9.43 -23.17 -18.35
CA GLU A 154 10.22 -23.84 -19.37
C GLU A 154 10.67 -25.23 -18.87
N ARG A 155 11.13 -25.33 -17.60
CA ARG A 155 11.54 -26.60 -16.98
C ARG A 155 10.35 -27.59 -16.96
N ALA A 156 9.15 -27.09 -16.67
CA ALA A 156 7.93 -27.90 -16.67
C ALA A 156 7.45 -28.32 -18.07
N GLY A 157 8.00 -27.71 -19.14
CA GLY A 157 7.61 -28.01 -20.51
C GLY A 157 6.23 -27.51 -20.87
N VAL A 158 5.80 -26.39 -20.25
CA VAL A 158 4.48 -25.78 -20.51
C VAL A 158 4.68 -24.28 -20.85
N PRO A 159 3.74 -23.69 -21.61
CA PRO A 159 3.88 -22.26 -21.93
C PRO A 159 3.60 -21.35 -20.73
N ALA A 160 4.18 -20.16 -20.80
CA ALA A 160 3.94 -19.09 -19.84
C ALA A 160 3.03 -18.11 -20.57
N PHE A 161 2.06 -17.56 -19.87
CA PHE A 161 1.08 -16.68 -20.46
C PHE A 161 0.78 -15.48 -19.57
N LEU A 162 0.43 -14.35 -20.20
CA LEU A 162 0.07 -13.10 -19.51
C LEU A 162 -0.78 -12.16 -20.41
N GLU A 163 -1.40 -11.14 -19.80
CA GLU A 163 -2.21 -10.13 -20.47
C GLU A 163 -1.73 -8.78 -19.96
N THR A 164 -1.54 -7.83 -20.87
CA THR A 164 -1.13 -6.47 -20.50
C THR A 164 -1.95 -5.45 -21.30
N SER A 165 -2.36 -4.36 -20.64
CA SER A 165 -3.13 -3.24 -21.20
C SER A 165 -2.26 -1.96 -21.33
N ALA A 166 -0.94 -2.04 -21.02
CA ALA A 166 0.02 -0.96 -21.11
C ALA A 166 1.04 -1.32 -22.21
N PRO A 167 1.05 -0.58 -23.35
CA PRO A 167 1.99 -0.91 -24.43
C PRO A 167 3.47 -0.69 -24.11
N ARG A 168 3.80 0.09 -23.06
CA ARG A 168 5.19 0.31 -22.61
C ARG A 168 5.80 -1.03 -22.10
N ASN A 169 4.95 -2.01 -21.69
CA ASN A 169 5.38 -3.31 -21.17
C ASN A 169 5.74 -4.31 -22.27
N LEU A 170 5.25 -4.09 -23.53
CA LEU A 170 5.50 -5.03 -24.62
C LEU A 170 7.00 -5.30 -24.83
N PRO A 171 7.87 -4.27 -24.89
CA PRO A 171 9.31 -4.55 -25.04
C PRO A 171 9.90 -5.34 -23.86
N PHE A 172 9.47 -5.02 -22.63
CA PHE A 172 9.90 -5.70 -21.40
C PHE A 172 9.65 -7.22 -21.45
N TYR A 173 8.45 -7.62 -21.91
CA TYR A 173 8.07 -9.04 -22.04
C TYR A 173 8.68 -9.69 -23.28
N GLU A 174 8.85 -8.92 -24.36
CA GLU A 174 9.48 -9.43 -25.58
C GLU A 174 10.94 -9.85 -25.28
N ARG A 175 11.67 -9.06 -24.46
CA ARG A 175 13.04 -9.38 -24.04
C ARG A 175 13.10 -10.71 -23.28
N LEU A 176 12.06 -11.01 -22.49
CA LEU A 176 11.94 -12.27 -21.73
C LEU A 176 11.48 -13.48 -22.59
N GLY A 177 11.29 -13.30 -23.89
CA GLY A 177 10.92 -14.36 -24.81
C GLY A 177 9.45 -14.51 -25.13
N PHE A 178 8.62 -13.58 -24.64
CA PHE A 178 7.19 -13.62 -24.93
C PHE A 178 6.87 -13.02 -26.28
N THR A 179 5.76 -13.49 -26.88
CA THR A 179 5.25 -13.03 -28.18
C THR A 179 3.75 -12.73 -28.09
N VAL A 180 3.30 -11.68 -28.77
CA VAL A 180 1.90 -11.31 -28.81
C VAL A 180 1.13 -12.38 -29.60
N THR A 181 0.17 -13.03 -28.94
CA THR A 181 -0.72 -14.04 -29.51
C THR A 181 -2.15 -13.47 -29.74
N ALA A 182 -2.49 -12.30 -29.15
CA ALA A 182 -3.77 -11.65 -29.38
C ALA A 182 -3.67 -10.17 -29.11
N ASP A 183 -4.32 -9.36 -29.95
CA ASP A 183 -4.39 -7.90 -29.86
C ASP A 183 -5.89 -7.61 -29.80
N VAL A 184 -6.39 -7.43 -28.57
CA VAL A 184 -7.83 -7.28 -28.29
C VAL A 184 -8.24 -5.83 -28.04
N GLU A 185 -9.25 -5.39 -28.76
CA GLU A 185 -9.82 -4.06 -28.63
C GLU A 185 -10.99 -4.17 -27.64
N VAL A 186 -10.97 -3.35 -26.57
CA VAL A 186 -12.02 -3.36 -25.56
C VAL A 186 -12.89 -2.12 -25.81
N PRO A 187 -14.24 -2.30 -25.95
CA PRO A 187 -15.10 -1.13 -26.19
C PRO A 187 -15.13 -0.17 -25.00
N GLU A 188 -14.78 1.09 -25.28
CA GLU A 188 -14.64 2.15 -24.29
C GLU A 188 -13.60 1.79 -23.20
N GLY A 189 -12.68 0.88 -23.55
CA GLY A 189 -11.65 0.37 -22.68
C GLY A 189 -10.31 0.29 -23.35
N PRO A 190 -9.34 -0.23 -22.59
CA PRO A 190 -7.97 -0.26 -23.08
C PRO A 190 -7.63 -1.42 -24.01
N ARG A 191 -6.77 -1.17 -25.04
CA ARG A 191 -6.28 -2.21 -25.94
C ARG A 191 -5.41 -3.13 -25.06
N THR A 192 -5.63 -4.46 -25.20
CA THR A 192 -4.98 -5.48 -24.39
C THR A 192 -4.31 -6.50 -25.27
N TRP A 193 -3.11 -6.90 -24.89
CA TRP A 193 -2.31 -7.87 -25.60
C TRP A 193 -2.12 -9.08 -24.75
N CYS A 194 -2.39 -10.25 -25.33
CA CYS A 194 -2.15 -11.53 -24.71
C CYS A 194 -0.80 -11.99 -25.21
N MET A 195 0.03 -12.50 -24.31
CA MET A 195 1.36 -12.93 -24.65
C MET A 195 1.66 -14.32 -24.12
N THR A 196 2.32 -15.12 -24.96
CA THR A 196 2.72 -16.47 -24.67
C THR A 196 4.22 -16.62 -24.92
N ARG A 197 4.84 -17.48 -24.11
CA ARG A 197 6.24 -17.88 -24.24
C ARG A 197 6.27 -19.41 -24.17
N LYS A 198 6.44 -20.06 -25.33
CA LYS A 198 6.51 -21.52 -25.40
C LYS A 198 7.89 -21.98 -24.90
N PRO A 199 8.02 -23.22 -24.35
CA PRO A 199 9.35 -23.66 -23.89
C PRO A 199 10.38 -23.73 -25.03
N GLY A 200 11.51 -23.04 -24.85
CA GLY A 200 12.60 -22.94 -25.81
C GLY A 200 12.59 -21.68 -26.65
N ALA A 201 12.09 -20.55 -26.08
CA ALA A 201 12.00 -19.27 -26.79
C ALA A 201 13.32 -18.48 -26.69
N PRO B 8 28.80 -40.39 5.21
CA PRO B 8 27.38 -40.48 5.58
C PRO B 8 27.12 -41.77 6.35
N THR B 9 26.68 -41.63 7.61
CA THR B 9 26.44 -42.80 8.48
C THR B 9 24.97 -43.20 8.33
N VAL B 10 24.74 -44.38 7.72
CA VAL B 10 23.41 -44.93 7.45
C VAL B 10 23.13 -46.08 8.41
N ARG B 11 21.93 -46.08 9.01
CA ARG B 11 21.51 -47.12 9.94
C ARG B 11 19.98 -47.19 10.05
N LEU B 12 19.46 -48.27 10.64
CA LEU B 12 18.04 -48.40 10.85
C LEU B 12 17.59 -47.40 11.89
N ALA B 13 16.37 -46.89 11.74
CA ALA B 13 15.84 -45.89 12.64
C ALA B 13 15.22 -46.52 13.89
N THR B 14 15.22 -45.73 14.95
CA THR B 14 14.65 -46.02 16.26
C THR B 14 13.58 -44.92 16.53
N ARG B 15 12.83 -45.09 17.60
CA ARG B 15 11.83 -44.10 17.94
C ARG B 15 12.44 -42.73 18.21
N ASP B 16 13.63 -42.73 18.81
CA ASP B 16 14.37 -41.54 19.22
C ASP B 16 14.59 -40.50 18.10
N ASP B 17 14.67 -40.90 16.84
CA ASP B 17 14.89 -39.92 15.76
C ASP B 17 13.63 -39.64 14.93
N VAL B 18 12.45 -40.10 15.40
CA VAL B 18 11.18 -39.82 14.72
C VAL B 18 10.94 -38.30 14.55
N PRO B 19 11.23 -37.47 15.59
CA PRO B 19 10.98 -36.03 15.44
C PRO B 19 11.74 -35.36 14.27
N ARG B 20 13.01 -35.70 14.12
CA ARG B 20 13.88 -35.12 13.08
C ARG B 20 13.47 -35.65 11.70
N ALA B 21 13.21 -36.97 11.64
CA ALA B 21 12.81 -37.63 10.41
C ALA B 21 11.56 -37.00 9.80
N VAL B 22 10.54 -36.69 10.63
CA VAL B 22 9.30 -36.07 10.14
C VAL B 22 9.55 -34.62 9.68
N ARG B 23 10.44 -33.89 10.36
CA ARG B 23 10.77 -32.52 9.98
C ARG B 23 11.46 -32.51 8.57
N THR B 24 12.32 -33.51 8.33
CA THR B 24 12.99 -33.73 7.03
C THR B 24 11.95 -34.07 5.93
N LEU B 25 11.02 -35.00 6.18
CA LEU B 25 10.02 -35.38 5.19
C LEU B 25 9.02 -34.25 4.88
N ALA B 26 8.62 -33.47 5.89
CA ALA B 26 7.71 -32.35 5.66
C ALA B 26 8.39 -31.29 4.75
N ALA B 27 9.67 -30.96 5.04
CA ALA B 27 10.44 -29.99 4.27
C ALA B 27 10.74 -30.49 2.84
N ALA B 28 11.08 -31.79 2.71
CA ALA B 28 11.39 -32.41 1.42
C ALA B 28 10.18 -32.48 0.49
N PHE B 29 8.98 -32.73 1.04
CA PHE B 29 7.75 -32.84 0.26
C PHE B 29 6.90 -31.56 0.17
N ALA B 30 7.46 -30.42 0.62
CA ALA B 30 6.78 -29.14 0.56
C ALA B 30 6.21 -28.80 -0.82
N ASP B 31 6.97 -29.05 -1.91
CA ASP B 31 6.52 -28.74 -3.28
C ASP B 31 6.48 -29.96 -4.21
N TYR B 32 6.21 -31.15 -3.65
CA TYR B 32 6.16 -32.37 -4.44
C TYR B 32 4.85 -32.43 -5.27
N PRO B 33 4.90 -32.69 -6.61
CA PRO B 33 3.66 -32.67 -7.40
C PRO B 33 2.53 -33.58 -6.95
N ALA B 34 2.86 -34.81 -6.53
CA ALA B 34 1.84 -35.76 -6.10
C ALA B 34 1.13 -35.31 -4.83
N THR B 35 1.87 -34.77 -3.84
CA THR B 35 1.24 -34.31 -2.59
C THR B 35 0.44 -33.03 -2.84
N ARG B 36 0.94 -32.14 -3.71
CA ARG B 36 0.19 -30.94 -4.06
C ARG B 36 -1.13 -31.30 -4.77
N HIS B 37 -1.12 -32.35 -5.61
CA HIS B 37 -2.33 -32.82 -6.28
C HIS B 37 -3.32 -33.58 -5.34
N THR B 38 -2.82 -34.34 -4.35
CA THR B 38 -3.65 -35.22 -3.50
C THR B 38 -3.89 -34.75 -2.06
N VAL B 39 -3.25 -33.67 -1.58
CA VAL B 39 -3.44 -33.17 -0.21
C VAL B 39 -3.99 -31.75 -0.28
N ASP B 40 -5.03 -31.46 0.52
CA ASP B 40 -5.73 -30.15 0.63
C ASP B 40 -4.74 -29.00 0.75
N PRO B 41 -4.93 -27.92 -0.03
CA PRO B 41 -4.02 -26.76 0.08
C PRO B 41 -4.17 -25.96 1.36
N ASP B 42 -5.33 -26.08 2.05
CA ASP B 42 -5.60 -25.38 3.32
C ASP B 42 -4.76 -26.06 4.39
N ARG B 43 -3.84 -25.32 5.06
CA ARG B 43 -2.93 -25.86 6.08
C ARG B 43 -2.16 -27.06 5.51
N HIS B 44 -1.72 -26.90 4.25
CA HIS B 44 -1.07 -27.95 3.47
C HIS B 44 0.11 -28.57 4.19
N ILE B 45 1.06 -27.75 4.63
CA ILE B 45 2.27 -28.22 5.32
C ILE B 45 1.93 -29.05 6.57
N GLU B 46 0.95 -28.56 7.34
CA GLU B 46 0.54 -29.24 8.55
C GLU B 46 -0.10 -30.62 8.22
N ARG B 47 -0.91 -30.67 7.15
CA ARG B 47 -1.55 -31.91 6.70
C ARG B 47 -0.51 -32.92 6.19
N VAL B 48 0.46 -32.45 5.41
CA VAL B 48 1.54 -33.28 4.87
C VAL B 48 2.43 -33.79 6.02
N THR B 49 2.70 -32.96 7.02
CA THR B 49 3.52 -33.34 8.18
C THR B 49 2.86 -34.48 8.94
N GLU B 50 1.53 -34.40 9.13
CA GLU B 50 0.80 -35.47 9.84
C GLU B 50 0.82 -36.76 9.03
N LEU B 51 0.63 -36.67 7.70
CA LEU B 51 0.65 -37.86 6.84
C LEU B 51 2.01 -38.56 6.93
N GLN B 52 3.09 -37.77 6.88
CA GLN B 52 4.44 -38.33 6.97
C GLN B 52 4.69 -38.95 8.33
N GLU B 53 4.19 -38.34 9.41
CA GLU B 53 4.33 -38.88 10.76
C GLU B 53 3.56 -40.21 10.86
N LEU B 54 2.31 -40.23 10.40
CA LEU B 54 1.46 -41.43 10.45
C LEU B 54 2.08 -42.58 9.70
N PHE B 55 2.65 -42.28 8.52
CA PHE B 55 3.22 -43.31 7.72
C PHE B 55 4.55 -43.78 8.32
N LEU B 56 5.41 -42.86 8.73
CA LEU B 56 6.71 -43.21 9.34
C LEU B 56 6.57 -44.08 10.59
N THR B 57 5.63 -43.74 11.47
CA THR B 57 5.47 -44.47 12.74
C THR B 57 4.60 -45.74 12.57
N ARG B 58 3.40 -45.60 12.07
CA ARG B 58 2.45 -46.68 11.98
C ARG B 58 2.71 -47.66 10.87
N VAL B 59 3.29 -47.22 9.77
CA VAL B 59 3.60 -48.15 8.69
C VAL B 59 5.08 -48.52 8.82
N GLY B 60 5.94 -47.53 8.69
CA GLY B 60 7.37 -47.73 8.68
C GLY B 60 7.95 -48.45 9.88
N LEU B 61 7.94 -47.83 11.05
CA LEU B 61 8.54 -48.42 12.24
C LEU B 61 7.78 -49.64 12.73
N ASP B 62 6.44 -49.57 12.77
CA ASP B 62 5.62 -50.69 13.27
C ASP B 62 5.69 -51.98 12.41
N ILE B 63 5.46 -51.89 11.08
CA ILE B 63 5.42 -53.09 10.23
C ILE B 63 6.35 -53.11 9.02
N GLY B 64 7.02 -51.99 8.72
CA GLY B 64 7.95 -51.92 7.60
C GLY B 64 9.39 -51.85 8.04
N LYS B 65 10.24 -51.18 7.22
CA LYS B 65 11.66 -50.98 7.49
C LYS B 65 12.01 -49.52 7.20
N VAL B 66 12.67 -48.85 8.15
CA VAL B 66 13.05 -47.44 8.01
C VAL B 66 14.55 -47.27 8.25
N TRP B 67 15.20 -46.56 7.33
CA TRP B 67 16.62 -46.19 7.44
C TRP B 67 16.73 -44.66 7.52
N VAL B 68 17.81 -44.19 8.18
CA VAL B 68 18.16 -42.77 8.30
C VAL B 68 19.65 -42.62 7.98
N ALA B 69 20.03 -41.41 7.54
CA ALA B 69 21.43 -41.00 7.38
C ALA B 69 21.63 -39.74 8.19
N ASP B 70 22.76 -39.69 8.94
CA ASP B 70 23.15 -38.55 9.76
C ASP B 70 22.02 -38.15 10.74
N ASP B 71 21.54 -39.17 11.49
CA ASP B 71 20.52 -39.08 12.52
C ASP B 71 19.17 -38.46 12.06
N GLY B 72 18.82 -38.66 10.79
CA GLY B 72 17.55 -38.16 10.25
C GLY B 72 17.64 -37.02 9.26
N ALA B 73 18.85 -36.66 8.82
CA ALA B 73 19.04 -35.66 7.76
C ALA B 73 18.39 -36.17 6.42
N ALA B 74 18.38 -37.53 6.25
CA ALA B 74 17.67 -38.24 5.19
C ALA B 74 16.99 -39.46 5.80
N VAL B 75 15.85 -39.87 5.19
CA VAL B 75 14.99 -40.96 5.66
C VAL B 75 14.43 -41.71 4.46
N ALA B 76 14.33 -43.08 4.58
CA ALA B 76 13.76 -43.98 3.57
C ALA B 76 12.83 -44.95 4.29
N VAL B 77 11.56 -45.03 3.84
CA VAL B 77 10.55 -45.90 4.45
C VAL B 77 10.10 -46.95 3.42
N TRP B 78 10.18 -48.22 3.81
CA TRP B 78 9.81 -49.37 2.99
C TRP B 78 8.75 -50.21 3.67
N THR B 79 7.96 -50.92 2.85
CA THR B 79 7.05 -51.97 3.29
C THR B 79 7.56 -53.21 2.53
N THR B 80 7.70 -54.30 3.23
CA THR B 80 8.30 -55.53 2.70
C THR B 80 7.25 -56.65 2.61
N PRO B 81 7.58 -57.84 2.02
CA PRO B 81 6.62 -58.96 2.05
C PRO B 81 6.26 -59.46 3.46
N GLU B 82 7.13 -59.18 4.47
CA GLU B 82 6.87 -59.58 5.86
C GLU B 82 6.04 -58.52 6.64
N SER B 83 5.61 -57.43 5.97
CA SER B 83 4.70 -56.43 6.54
C SER B 83 3.27 -56.99 6.42
N VAL B 84 3.01 -58.02 7.21
CA VAL B 84 1.75 -58.78 7.21
C VAL B 84 0.55 -57.99 7.76
N GLU B 85 0.77 -57.04 8.73
CA GLU B 85 -0.33 -56.25 9.32
C GLU B 85 -0.87 -55.16 8.36
N ALA B 86 -0.16 -54.89 7.23
CA ALA B 86 -0.61 -53.90 6.23
C ALA B 86 -1.95 -54.37 5.70
N GLY B 87 -2.98 -53.61 5.97
CA GLY B 87 -4.34 -53.99 5.67
C GLY B 87 -5.16 -53.69 6.90
N ALA B 88 -4.75 -54.27 8.04
CA ALA B 88 -5.33 -53.98 9.33
C ALA B 88 -4.88 -52.56 9.75
N VAL B 89 -3.59 -52.20 9.46
CA VAL B 89 -2.93 -50.90 9.70
C VAL B 89 -3.53 -49.80 8.76
N PHE B 90 -3.98 -50.23 7.59
CA PHE B 90 -4.65 -49.38 6.63
C PHE B 90 -6.10 -49.10 7.09
N ALA B 91 -6.76 -50.06 7.75
CA ALA B 91 -8.09 -49.84 8.29
C ALA B 91 -8.04 -48.83 9.45
N GLU B 92 -6.92 -48.78 10.20
CA GLU B 92 -6.72 -47.93 11.36
C GLU B 92 -6.47 -46.49 10.91
N ILE B 93 -5.42 -46.28 10.11
CA ILE B 93 -4.98 -44.95 9.69
C ILE B 93 -5.66 -44.46 8.38
N GLY B 94 -6.30 -45.35 7.59
CA GLY B 94 -6.97 -44.99 6.34
C GLY B 94 -7.96 -43.85 6.50
N PRO B 95 -9.02 -43.97 7.34
CA PRO B 95 -9.97 -42.85 7.53
C PRO B 95 -9.34 -41.50 7.88
N ARG B 96 -8.26 -41.49 8.69
CA ARG B 96 -7.55 -40.25 9.04
C ARG B 96 -6.77 -39.67 7.83
N MET B 97 -6.19 -40.55 7.00
CA MET B 97 -5.51 -40.17 5.76
C MET B 97 -6.49 -39.51 4.78
N ALA B 98 -7.74 -39.98 4.77
CA ALA B 98 -8.77 -39.43 3.92
C ALA B 98 -9.15 -38.00 4.42
N GLU B 99 -9.25 -37.83 5.77
CA GLU B 99 -9.51 -36.54 6.38
C GLU B 99 -8.39 -35.57 5.99
N LEU B 100 -7.12 -36.00 6.11
CA LEU B 100 -5.97 -35.14 5.79
C LEU B 100 -5.93 -34.77 4.31
N SER B 101 -6.39 -35.68 3.43
CA SER B 101 -6.49 -35.36 1.99
C SER B 101 -7.47 -34.19 1.75
N GLY B 102 -8.54 -34.16 2.55
CA GLY B 102 -9.55 -33.11 2.48
C GLY B 102 -10.25 -33.02 1.15
N SER B 103 -10.30 -31.82 0.60
CA SER B 103 -10.93 -31.51 -0.71
C SER B 103 -10.31 -32.29 -1.89
N ARG B 104 -9.06 -32.76 -1.74
CA ARG B 104 -8.36 -33.49 -2.79
C ARG B 104 -8.55 -35.00 -2.72
N LEU B 105 -9.52 -35.49 -1.93
CA LEU B 105 -9.76 -36.92 -1.80
C LEU B 105 -10.21 -37.56 -3.12
N ALA B 106 -11.02 -36.83 -3.91
CA ALA B 106 -11.46 -37.35 -5.20
C ALA B 106 -10.28 -37.51 -6.16
N ALA B 107 -9.34 -36.51 -6.13
CA ALA B 107 -8.12 -36.52 -6.93
C ALA B 107 -7.18 -37.66 -6.54
N GLN B 108 -7.02 -37.87 -5.22
CA GLN B 108 -6.22 -38.96 -4.68
C GLN B 108 -6.81 -40.32 -5.15
N GLN B 109 -8.12 -40.49 -5.02
CA GLN B 109 -8.80 -41.71 -5.40
C GLN B 109 -8.73 -41.95 -6.90
N GLN B 110 -8.85 -40.91 -7.70
CA GLN B 110 -8.72 -41.02 -9.16
C GLN B 110 -7.33 -41.55 -9.54
N MET B 111 -6.29 -40.95 -8.95
CA MET B 111 -4.88 -41.31 -9.18
C MET B 111 -4.62 -42.74 -8.78
N GLU B 112 -5.18 -43.18 -7.64
CA GLU B 112 -4.98 -44.55 -7.16
C GLU B 112 -5.51 -45.55 -8.16
N GLY B 113 -6.66 -45.25 -8.79
CA GLY B 113 -7.27 -46.12 -9.81
C GLY B 113 -6.43 -46.25 -11.06
N LEU B 114 -5.67 -45.20 -11.39
CA LEU B 114 -4.78 -45.19 -12.55
C LEU B 114 -3.49 -45.97 -12.29
N LEU B 115 -2.98 -45.92 -11.06
CA LEU B 115 -1.72 -46.57 -10.68
C LEU B 115 -1.87 -48.01 -10.22
N ALA B 116 -3.01 -48.34 -9.58
CA ALA B 116 -3.23 -49.69 -9.06
C ALA B 116 -2.92 -50.82 -10.04
N PRO B 117 -3.31 -50.70 -11.33
CA PRO B 117 -2.98 -51.78 -12.28
C PRO B 117 -1.49 -52.01 -12.52
N HIS B 118 -0.68 -50.99 -12.29
CA HIS B 118 0.76 -51.06 -12.54
C HIS B 118 1.60 -51.47 -11.32
N ARG B 119 0.97 -51.71 -10.17
CA ARG B 119 1.69 -52.15 -8.99
C ARG B 119 1.92 -53.64 -9.08
N PRO B 120 2.98 -54.19 -8.43
CA PRO B 120 3.19 -55.65 -8.51
C PRO B 120 2.17 -56.43 -7.69
N LYS B 121 1.52 -57.40 -8.34
CA LYS B 121 0.59 -58.30 -7.64
C LYS B 121 1.38 -59.42 -6.87
N GLU B 122 2.68 -59.59 -7.15
CA GLU B 122 3.56 -60.56 -6.49
C GLU B 122 4.23 -59.91 -5.23
N PRO B 123 4.87 -60.72 -4.34
CA PRO B 123 5.56 -60.13 -3.19
C PRO B 123 6.70 -59.21 -3.61
N ALA B 124 6.82 -58.06 -2.93
CA ALA B 124 7.79 -57.04 -3.29
C ALA B 124 8.16 -56.10 -2.11
N TRP B 125 9.26 -55.35 -2.26
CA TRP B 125 9.69 -54.29 -1.34
C TRP B 125 9.21 -52.98 -1.98
N PHE B 126 8.34 -52.28 -1.31
CA PHE B 126 7.77 -51.05 -1.81
C PHE B 126 8.36 -49.85 -1.06
N LEU B 127 9.07 -48.95 -1.78
CA LEU B 127 9.61 -47.76 -1.17
C LEU B 127 8.44 -46.79 -1.06
N ALA B 128 7.91 -46.65 0.15
CA ALA B 128 6.76 -45.80 0.46
C ALA B 128 7.07 -44.32 0.34
N THR B 129 8.24 -43.89 0.89
CA THR B 129 8.66 -42.51 0.81
C THR B 129 10.16 -42.39 1.10
N VAL B 130 10.78 -41.38 0.53
CA VAL B 130 12.18 -41.05 0.77
C VAL B 130 12.29 -39.52 0.69
N GLY B 131 12.99 -38.94 1.65
CA GLY B 131 13.22 -37.51 1.72
C GLY B 131 14.54 -37.12 2.34
N VAL B 132 15.14 -36.06 1.81
CA VAL B 132 16.41 -35.50 2.25
C VAL B 132 16.11 -34.03 2.59
N SER B 133 16.64 -33.54 3.74
CA SER B 133 16.47 -32.15 4.15
C SER B 133 16.95 -31.22 3.01
N PRO B 134 16.12 -30.26 2.56
CA PRO B 134 16.53 -29.40 1.43
C PRO B 134 17.96 -28.86 1.44
N ASP B 135 18.47 -28.50 2.63
CA ASP B 135 19.83 -27.95 2.77
C ASP B 135 20.94 -29.03 2.59
N HIS B 136 20.57 -30.32 2.65
CA HIS B 136 21.46 -31.47 2.47
C HIS B 136 21.19 -32.23 1.16
N GLN B 137 20.34 -31.68 0.26
CA GLN B 137 20.07 -32.35 -1.01
C GLN B 137 21.28 -32.20 -1.94
N GLY B 138 21.43 -33.15 -2.85
CA GLY B 138 22.52 -33.16 -3.82
C GLY B 138 23.87 -33.62 -3.29
N LYS B 139 23.97 -33.97 -1.97
CA LYS B 139 25.22 -34.40 -1.36
C LYS B 139 25.40 -35.94 -1.29
N GLY B 140 24.49 -36.70 -1.91
CA GLY B 140 24.57 -38.17 -1.91
C GLY B 140 23.83 -38.89 -0.81
N LEU B 141 23.12 -38.15 0.07
CA LEU B 141 22.41 -38.78 1.19
C LEU B 141 21.25 -39.67 0.74
N GLY B 142 20.49 -39.22 -0.26
CA GLY B 142 19.37 -39.97 -0.82
C GLY B 142 19.78 -41.34 -1.32
N SER B 143 20.86 -41.40 -2.07
CA SER B 143 21.36 -42.67 -2.60
C SER B 143 21.77 -43.60 -1.45
N ALA B 144 22.42 -43.05 -0.43
CA ALA B 144 22.90 -43.83 0.69
C ALA B 144 21.79 -44.42 1.55
N VAL B 145 20.66 -43.66 1.76
CA VAL B 145 19.56 -44.18 2.60
C VAL B 145 18.74 -45.25 1.91
N VAL B 146 18.60 -45.14 0.60
CA VAL B 146 17.78 -46.09 -0.15
C VAL B 146 18.51 -47.38 -0.51
N LEU B 147 19.83 -47.33 -0.60
CA LEU B 147 20.63 -48.48 -0.98
C LEU B 147 20.43 -49.73 -0.10
N PRO B 148 20.38 -49.62 1.24
CA PRO B 148 20.16 -50.83 2.06
C PRO B 148 18.87 -51.59 1.76
N GLY B 149 17.77 -50.85 1.53
CA GLY B 149 16.50 -51.47 1.18
C GLY B 149 16.55 -52.15 -0.17
N VAL B 150 17.27 -51.52 -1.12
CA VAL B 150 17.49 -52.06 -2.47
C VAL B 150 18.29 -53.37 -2.38
N GLU B 151 19.36 -53.39 -1.55
CA GLU B 151 20.18 -54.58 -1.35
C GLU B 151 19.35 -55.69 -0.65
N ALA B 152 18.50 -55.30 0.32
CA ALA B 152 17.64 -56.23 1.04
C ALA B 152 16.62 -56.89 0.12
N ALA B 153 16.01 -56.12 -0.80
CA ALA B 153 15.05 -56.67 -1.76
C ALA B 153 15.73 -57.69 -2.69
N GLU B 154 16.98 -57.39 -3.13
CA GLU B 154 17.73 -58.28 -3.98
C GLU B 154 18.09 -59.58 -3.24
N ARG B 155 18.53 -59.46 -1.96
CA ARG B 155 18.86 -60.62 -1.12
C ARG B 155 17.62 -61.53 -0.94
N ALA B 156 16.44 -60.92 -0.77
CA ALA B 156 15.18 -61.65 -0.66
C ALA B 156 14.69 -62.28 -1.97
N GLY B 157 15.29 -61.92 -3.10
CA GLY B 157 14.89 -62.44 -4.40
C GLY B 157 13.54 -61.94 -4.87
N VAL B 158 13.17 -60.70 -4.48
CA VAL B 158 11.90 -60.09 -4.86
C VAL B 158 12.18 -58.69 -5.46
N PRO B 159 11.28 -58.19 -6.33
CA PRO B 159 11.51 -56.85 -6.88
C PRO B 159 11.26 -55.73 -5.88
N ALA B 160 11.90 -54.59 -6.16
CA ALA B 160 11.72 -53.35 -5.42
C ALA B 160 10.84 -52.47 -6.32
N PHE B 161 9.90 -51.77 -5.73
CA PHE B 161 8.94 -50.98 -6.47
C PHE B 161 8.72 -49.59 -5.85
N LEU B 162 8.48 -48.58 -6.73
CA LEU B 162 8.19 -47.21 -6.32
C LEU B 162 7.42 -46.43 -7.39
N GLU B 163 6.84 -45.29 -6.98
CA GLU B 163 6.10 -44.39 -7.86
C GLU B 163 6.69 -43.00 -7.64
N THR B 164 6.90 -42.23 -8.72
CA THR B 164 7.40 -40.86 -8.61
C THR B 164 6.67 -39.95 -9.61
N SER B 165 6.32 -38.73 -9.18
CA SER B 165 5.65 -37.70 -9.96
C SER B 165 6.60 -36.51 -10.31
N ALA B 166 7.90 -36.62 -9.94
CA ALA B 166 8.94 -35.62 -10.20
C ALA B 166 9.94 -36.23 -11.18
N PRO B 167 10.03 -35.73 -12.43
CA PRO B 167 10.97 -36.33 -13.41
C PRO B 167 12.45 -36.14 -13.06
N ARG B 168 12.79 -35.19 -12.15
CA ARG B 168 14.17 -35.01 -11.70
C ARG B 168 14.68 -36.25 -10.92
N ASN B 169 13.78 -37.06 -10.35
CA ASN B 169 14.12 -38.29 -9.62
C ASN B 169 14.43 -39.47 -10.54
N LEU B 170 13.99 -39.44 -11.83
CA LEU B 170 14.20 -40.58 -12.71
C LEU B 170 15.67 -40.96 -12.83
N PRO B 171 16.62 -40.00 -13.07
CA PRO B 171 18.04 -40.39 -13.14
C PRO B 171 18.55 -40.97 -11.82
N PHE B 172 18.14 -40.37 -10.70
CA PHE B 172 18.50 -40.80 -9.34
C PHE B 172 18.14 -42.29 -9.09
N TYR B 173 16.93 -42.73 -9.50
CA TYR B 173 16.48 -44.13 -9.37
C TYR B 173 17.06 -45.03 -10.44
N GLU B 174 17.28 -44.52 -11.64
CA GLU B 174 17.91 -45.28 -12.72
C GLU B 174 19.33 -45.72 -12.32
N ARG B 175 20.10 -44.82 -11.65
CA ARG B 175 21.45 -45.13 -11.14
C ARG B 175 21.42 -46.29 -10.13
N LEU B 176 20.34 -46.38 -9.33
CA LEU B 176 20.13 -47.46 -8.36
C LEU B 176 19.61 -48.77 -8.98
N GLY B 177 19.44 -48.82 -10.31
CA GLY B 177 19.02 -50.02 -11.01
C GLY B 177 17.55 -50.14 -11.34
N PHE B 178 16.77 -49.10 -11.06
CA PHE B 178 15.35 -49.12 -11.35
C PHE B 178 15.07 -48.78 -12.80
N THR B 179 13.95 -49.31 -13.31
CA THR B 179 13.49 -49.10 -14.68
C THR B 179 12.02 -48.71 -14.69
N VAL B 180 11.65 -47.79 -15.57
CA VAL B 180 10.26 -47.37 -15.72
C VAL B 180 9.46 -48.53 -16.29
N THR B 181 8.45 -48.96 -15.55
CA THR B 181 7.50 -50.02 -15.95
C THR B 181 6.12 -49.43 -16.34
N ALA B 182 5.84 -48.14 -16.00
CA ALA B 182 4.61 -47.47 -16.40
C ALA B 182 4.82 -45.97 -16.42
N ASP B 183 4.25 -45.31 -17.44
CA ASP B 183 4.29 -43.86 -17.64
C ASP B 183 2.81 -43.47 -17.68
N VAL B 184 2.29 -43.02 -16.53
CA VAL B 184 0.88 -42.73 -16.33
C VAL B 184 0.57 -41.23 -16.38
N GLU B 185 -0.40 -40.87 -17.21
CA GLU B 185 -0.87 -39.50 -17.35
C GLU B 185 -2.06 -39.36 -16.41
N VAL B 186 -2.02 -38.38 -15.51
CA VAL B 186 -3.08 -38.14 -14.55
C VAL B 186 -3.88 -36.92 -15.06
N PRO B 187 -5.22 -37.03 -15.20
CA PRO B 187 -6.00 -35.87 -15.68
C PRO B 187 -5.99 -34.71 -14.69
N GLU B 188 -5.54 -33.54 -15.19
CA GLU B 188 -5.35 -32.32 -14.38
C GLU B 188 -4.35 -32.54 -13.24
N GLY B 189 -3.49 -33.56 -13.38
CA GLY B 189 -2.51 -33.97 -12.39
C GLY B 189 -1.17 -34.26 -13.01
N PRO B 190 -0.20 -34.59 -12.15
CA PRO B 190 1.16 -34.80 -12.64
C PRO B 190 1.40 -36.15 -13.29
N ARG B 191 2.29 -36.17 -14.27
CA ARG B 191 2.71 -37.39 -14.93
C ARG B 191 3.50 -38.18 -13.86
N THR B 192 3.17 -39.47 -13.73
CA THR B 192 3.74 -40.35 -12.71
C THR B 192 4.33 -41.59 -13.36
N TRP B 193 5.49 -41.98 -12.88
CA TRP B 193 6.23 -43.12 -13.38
C TRP B 193 6.33 -44.16 -12.30
N CYS B 194 6.00 -45.39 -12.65
CA CYS B 194 6.14 -46.55 -11.77
C CYS B 194 7.47 -47.17 -12.12
N MET B 195 8.26 -47.50 -11.12
CA MET B 195 9.58 -48.04 -11.35
C MET B 195 9.81 -49.30 -10.54
N THR B 196 10.38 -50.32 -11.20
CA THR B 196 10.70 -51.62 -10.63
C THR B 196 12.19 -51.89 -10.82
N ARG B 197 12.75 -52.60 -9.86
CA ARG B 197 14.12 -53.10 -9.89
C ARG B 197 14.06 -54.59 -9.56
N LYS B 198 14.21 -55.45 -10.58
CA LYS B 198 14.20 -56.89 -10.39
C LYS B 198 15.54 -57.32 -9.77
N PRO B 199 15.61 -58.44 -9.01
CA PRO B 199 16.91 -58.88 -8.47
C PRO B 199 17.94 -59.23 -9.56
N PRO C 8 17.46 23.66 -21.26
CA PRO C 8 16.06 23.25 -21.55
C PRO C 8 15.79 21.86 -20.96
N THR C 9 15.10 21.81 -19.80
CA THR C 9 14.84 20.55 -19.10
C THR C 9 13.36 20.18 -19.17
N VAL C 10 13.05 19.09 -19.91
CA VAL C 10 11.70 18.61 -20.12
C VAL C 10 11.47 17.34 -19.30
N ARG C 11 10.31 17.27 -18.63
CA ARG C 11 9.94 16.13 -17.80
C ARG C 11 8.42 16.07 -17.59
N LEU C 12 7.94 14.92 -17.08
CA LEU C 12 6.53 14.77 -16.77
C LEU C 12 6.20 15.64 -15.58
N ALA C 13 5.00 16.21 -15.64
CA ALA C 13 4.51 17.10 -14.61
C ALA C 13 4.03 16.34 -13.38
N THR C 14 4.06 17.05 -12.22
CA THR C 14 3.58 16.62 -10.89
C THR C 14 2.52 17.64 -10.42
N ARG C 15 1.79 17.31 -9.33
CA ARG C 15 0.77 18.22 -8.78
C ARG C 15 1.39 19.56 -8.34
N ASP C 16 2.67 19.53 -7.92
CA ASP C 16 3.45 20.69 -7.47
C ASP C 16 3.64 21.75 -8.60
N ASP C 17 3.54 21.30 -9.88
CA ASP C 17 3.71 22.17 -11.04
C ASP C 17 2.39 22.85 -11.49
N VAL C 18 1.23 22.45 -10.93
CA VAL C 18 -0.07 22.98 -11.37
C VAL C 18 -0.16 24.53 -11.30
N PRO C 19 0.27 25.20 -10.21
CA PRO C 19 0.12 26.66 -10.15
C PRO C 19 0.86 27.40 -11.25
N ARG C 20 2.12 27.00 -11.48
CA ARG C 20 2.97 27.60 -12.50
C ARG C 20 2.36 27.33 -13.88
N ALA C 21 2.07 26.04 -14.17
CA ALA C 21 1.49 25.59 -15.44
C ALA C 21 0.19 26.31 -15.81
N VAL C 22 -0.72 26.50 -14.84
CA VAL C 22 -2.00 27.15 -15.08
C VAL C 22 -1.79 28.64 -15.42
N ARG C 23 -0.80 29.32 -14.77
CA ARG C 23 -0.47 30.73 -15.05
C ARG C 23 0.01 30.83 -16.48
N THR C 24 0.93 29.90 -16.86
CA THR C 24 1.50 29.83 -18.20
C THR C 24 0.38 29.64 -19.24
N LEU C 25 -0.55 28.68 -19.01
CA LEU C 25 -1.64 28.43 -19.95
C LEU C 25 -2.64 29.59 -20.03
N ALA C 26 -2.94 30.24 -18.91
CA ALA C 26 -3.83 31.39 -18.90
C ALA C 26 -3.21 32.56 -19.72
N ALA C 27 -1.91 32.83 -19.50
CA ALA C 27 -1.20 33.90 -20.21
C ALA C 27 -1.02 33.61 -21.70
N ALA C 28 -0.71 32.34 -22.03
CA ALA C 28 -0.52 31.91 -23.42
C ALA C 28 -1.79 32.00 -24.26
N PHE C 29 -2.94 31.63 -23.67
CA PHE C 29 -4.22 31.63 -24.38
C PHE C 29 -5.03 32.92 -24.27
N ALA C 30 -4.48 33.98 -23.62
CA ALA C 30 -5.17 35.26 -23.40
C ALA C 30 -5.90 35.80 -24.66
N ASP C 31 -5.25 35.72 -25.84
CA ASP C 31 -5.84 36.23 -27.09
C ASP C 31 -5.96 35.16 -28.17
N TYR C 32 -6.16 33.89 -27.77
CA TYR C 32 -6.28 32.79 -28.72
C TYR C 32 -7.64 32.83 -29.43
N PRO C 33 -7.70 32.74 -30.78
CA PRO C 33 -9.00 32.86 -31.46
C PRO C 33 -10.10 31.88 -31.05
N ALA C 34 -9.74 30.61 -30.85
CA ALA C 34 -10.72 29.60 -30.46
C ALA C 34 -11.32 29.87 -29.08
N THR C 35 -10.47 30.29 -28.15
CA THR C 35 -10.86 30.54 -26.76
C THR C 35 -11.75 31.79 -26.73
N ARG C 36 -11.38 32.84 -27.48
CA ARG C 36 -12.18 34.05 -27.57
C ARG C 36 -13.56 33.80 -28.19
N HIS C 37 -13.64 32.86 -29.13
CA HIS C 37 -14.90 32.50 -29.76
C HIS C 37 -15.80 31.63 -28.88
N THR C 38 -15.21 30.77 -28.06
CA THR C 38 -15.97 29.81 -27.27
C THR C 38 -16.09 30.09 -25.76
N VAL C 39 -15.40 31.09 -25.19
CA VAL C 39 -15.46 31.40 -23.76
C VAL C 39 -16.00 32.83 -23.58
N ASP C 40 -16.89 33.01 -22.57
CA ASP C 40 -17.55 34.28 -22.25
C ASP C 40 -16.59 35.46 -22.21
N PRO C 41 -17.00 36.63 -22.76
CA PRO C 41 -16.13 37.82 -22.61
C PRO C 41 -16.18 38.41 -21.20
N ASP C 42 -17.28 38.19 -20.44
CA ASP C 42 -17.47 38.69 -19.07
C ASP C 42 -16.56 37.86 -18.17
N ARG C 43 -15.50 38.48 -17.57
CA ARG C 43 -14.47 37.83 -16.71
C ARG C 43 -13.65 36.80 -17.46
N HIS C 44 -13.59 36.93 -18.78
CA HIS C 44 -12.97 36.04 -19.74
C HIS C 44 -11.72 35.32 -19.24
N ILE C 45 -10.74 36.09 -18.78
CA ILE C 45 -9.47 35.54 -18.39
C ILE C 45 -9.63 34.65 -17.16
N GLU C 46 -10.47 35.04 -16.22
CA GLU C 46 -10.72 34.25 -15.00
C GLU C 46 -11.33 32.88 -15.35
N ARG C 47 -12.19 32.85 -16.38
CA ARG C 47 -12.85 31.62 -16.88
C ARG C 47 -11.93 30.74 -17.68
N VAL C 48 -10.99 31.33 -18.45
CA VAL C 48 -10.00 30.56 -19.23
C VAL C 48 -9.07 29.90 -18.24
N THR C 49 -8.68 30.61 -17.18
CA THR C 49 -7.78 30.07 -16.15
C THR C 49 -8.41 28.85 -15.46
N GLU C 50 -9.71 28.93 -15.14
CA GLU C 50 -10.41 27.80 -14.51
C GLU C 50 -10.50 26.62 -15.45
N LEU C 51 -10.81 26.86 -16.74
CA LEU C 51 -10.91 25.78 -17.72
C LEU C 51 -9.56 25.07 -17.86
N GLN C 52 -8.46 25.84 -17.95
CA GLN C 52 -7.12 25.28 -18.07
C GLN C 52 -6.77 24.48 -16.81
N GLU C 53 -7.15 24.98 -15.64
CA GLU C 53 -6.89 24.25 -14.38
C GLU C 53 -7.69 22.94 -14.35
N LEU C 54 -8.99 22.98 -14.67
CA LEU C 54 -9.85 21.81 -14.69
C LEU C 54 -9.34 20.75 -15.66
N PHE C 55 -8.89 21.18 -16.82
CA PHE C 55 -8.42 20.25 -17.83
C PHE C 55 -7.04 19.70 -17.43
N LEU C 56 -6.10 20.57 -17.02
CA LEU C 56 -4.76 20.14 -16.60
C LEU C 56 -4.81 19.10 -15.47
N THR C 57 -5.66 19.33 -14.45
CA THR C 57 -5.73 18.46 -13.29
C THR C 57 -6.63 17.20 -13.51
N ARG C 58 -7.96 17.40 -13.74
CA ARG C 58 -8.93 16.31 -13.84
C ARG C 58 -8.79 15.47 -15.07
N VAL C 59 -8.20 16.01 -16.14
CA VAL C 59 -8.02 15.26 -17.36
C VAL C 59 -6.52 14.92 -17.55
N GLY C 60 -5.67 15.94 -17.72
CA GLY C 60 -4.24 15.75 -17.92
C GLY C 60 -3.56 14.86 -16.89
N LEU C 61 -3.47 15.32 -15.65
CA LEU C 61 -2.77 14.57 -14.60
C LEU C 61 -3.50 13.28 -14.21
N ASP C 62 -4.84 13.36 -14.03
CA ASP C 62 -5.60 12.19 -13.64
C ASP C 62 -5.60 11.02 -14.68
N ILE C 63 -5.96 11.29 -15.96
CA ILE C 63 -6.10 10.21 -16.96
C ILE C 63 -5.29 10.37 -18.25
N GLY C 64 -4.63 11.50 -18.45
CA GLY C 64 -3.82 11.74 -19.64
C GLY C 64 -2.34 11.73 -19.33
N LYS C 65 -1.56 12.50 -20.10
CA LYS C 65 -0.11 12.65 -19.94
C LYS C 65 0.23 14.13 -20.04
N VAL C 66 0.98 14.67 -19.05
CA VAL C 66 1.36 16.08 -19.03
C VAL C 66 2.88 16.23 -18.90
N TRP C 67 3.47 17.07 -19.77
CA TRP C 67 4.89 17.41 -19.75
C TRP C 67 5.06 18.90 -19.47
N VAL C 68 6.24 19.26 -18.94
CA VAL C 68 6.63 20.64 -18.61
C VAL C 68 8.09 20.88 -18.99
N ALA C 69 8.43 22.12 -19.30
CA ALA C 69 9.82 22.53 -19.52
C ALA C 69 10.11 23.67 -18.58
N ASP C 70 11.29 23.62 -17.93
CA ASP C 70 11.77 24.64 -17.00
C ASP C 70 10.73 24.95 -15.89
N ASP C 71 10.31 23.85 -15.24
CA ASP C 71 9.38 23.84 -14.10
C ASP C 71 8.01 24.51 -14.38
N GLY C 72 7.53 24.45 -15.62
CA GLY C 72 6.23 25.00 -15.98
C GLY C 72 6.26 26.26 -16.83
N ALA C 73 7.44 26.67 -17.32
CA ALA C 73 7.55 27.80 -18.26
C ALA C 73 6.78 27.46 -19.57
N ALA C 74 6.73 26.15 -19.94
CA ALA C 74 5.94 25.58 -21.02
C ALA C 74 5.28 24.28 -20.51
N VAL C 75 4.08 23.96 -21.06
CA VAL C 75 3.25 22.80 -20.69
C VAL C 75 2.67 22.18 -21.96
N ALA C 76 2.45 20.88 -21.93
CA ALA C 76 1.79 20.12 -23.01
C ALA C 76 0.89 19.06 -22.34
N VAL C 77 -0.40 19.05 -22.67
CA VAL C 77 -1.37 18.12 -22.13
C VAL C 77 -1.92 17.22 -23.24
N TRP C 78 -1.84 15.91 -23.04
CA TRP C 78 -2.33 14.91 -24.01
C TRP C 78 -3.34 14.00 -23.37
N THR C 79 -4.18 13.40 -24.20
CA THR C 79 -5.06 12.30 -23.84
C THR C 79 -4.64 11.20 -24.79
N THR C 80 -4.45 10.02 -24.28
CA THR C 80 -3.91 8.88 -25.02
C THR C 80 -5.02 7.83 -25.23
N PRO C 81 -4.75 6.78 -26.01
CA PRO C 81 -5.73 5.69 -26.13
C PRO C 81 -6.03 4.97 -24.80
N GLU C 82 -5.11 5.10 -23.81
CA GLU C 82 -5.28 4.48 -22.49
C GLU C 82 -5.99 5.43 -21.49
N SER C 83 -6.48 6.63 -21.95
CA SER C 83 -7.25 7.55 -21.12
C SER C 83 -8.71 7.05 -21.14
N VAL C 84 -8.93 5.90 -20.49
CA VAL C 84 -10.21 5.17 -20.47
C VAL C 84 -11.33 5.82 -19.61
N GLU C 85 -10.98 6.56 -18.54
CA GLU C 85 -11.99 7.23 -17.67
C GLU C 85 -12.62 8.49 -18.34
N ALA C 86 -12.08 8.95 -19.50
CA ALA C 86 -12.62 10.10 -20.25
C ALA C 86 -14.03 9.71 -20.66
N GLY C 87 -14.99 10.41 -20.10
CA GLY C 87 -16.40 10.07 -20.27
C GLY C 87 -17.04 10.20 -18.92
N ALA C 88 -16.49 9.45 -17.95
CA ALA C 88 -16.90 9.56 -16.55
C ALA C 88 -16.37 10.91 -15.96
N VAL C 89 -15.13 11.26 -16.33
CA VAL C 89 -14.49 12.53 -15.97
C VAL C 89 -15.28 13.69 -16.61
N PHE C 90 -15.73 13.50 -17.85
CA PHE C 90 -16.50 14.48 -18.61
C PHE C 90 -17.88 14.70 -17.97
N ALA C 91 -18.45 13.67 -17.34
CA ALA C 91 -19.70 13.82 -16.63
C ALA C 91 -19.55 14.72 -15.38
N GLU C 92 -18.36 14.71 -14.77
CA GLU C 92 -18.05 15.48 -13.58
C GLU C 92 -17.80 16.95 -13.91
N ILE C 93 -16.79 17.19 -14.76
CA ILE C 93 -16.34 18.55 -15.11
C ILE C 93 -17.13 19.19 -16.28
N GLY C 94 -17.81 18.38 -17.09
CA GLY C 94 -18.56 18.88 -18.22
C GLY C 94 -19.54 19.99 -17.94
N PRO C 95 -20.52 19.81 -17.03
CA PRO C 95 -21.46 20.92 -16.74
C PRO C 95 -20.81 22.24 -16.27
N ARG C 96 -19.68 22.15 -15.52
CA ARG C 96 -18.95 23.33 -15.08
C ARG C 96 -18.26 24.03 -16.27
N MET C 97 -17.75 23.24 -17.23
CA MET C 97 -17.14 23.79 -18.44
C MET C 97 -18.18 24.57 -19.28
N ALA C 98 -19.45 24.10 -19.27
CA ALA C 98 -20.54 24.78 -19.98
C ALA C 98 -20.87 26.11 -19.29
N GLU C 99 -20.83 26.14 -17.94
CA GLU C 99 -21.04 27.35 -17.14
C GLU C 99 -19.93 28.36 -17.51
N LEU C 100 -18.65 27.90 -17.55
CA LEU C 100 -17.53 28.76 -17.88
C LEU C 100 -17.61 29.29 -19.31
N SER C 101 -18.19 28.52 -20.23
CA SER C 101 -18.41 28.98 -21.60
C SER C 101 -19.35 30.20 -21.62
N GLY C 102 -20.34 30.17 -20.73
CA GLY C 102 -21.33 31.22 -20.56
C GLY C 102 -22.11 31.49 -21.82
N SER C 103 -22.20 32.76 -22.20
CA SER C 103 -22.91 33.24 -23.39
C SER C 103 -22.43 32.59 -24.73
N ARG C 104 -21.18 32.10 -24.76
CA ARG C 104 -20.56 31.47 -25.93
C ARG C 104 -20.78 30.00 -26.04
N LEU C 105 -21.70 29.42 -25.24
CA LEU C 105 -21.95 27.97 -25.28
C LEU C 105 -22.54 27.52 -26.62
N ALA C 106 -23.39 28.35 -27.24
CA ALA C 106 -23.94 28.02 -28.54
C ALA C 106 -22.86 27.98 -29.61
N ALA C 107 -21.90 28.95 -29.53
CA ALA C 107 -20.75 29.05 -30.45
C ALA C 107 -19.80 27.85 -30.28
N GLN C 108 -19.53 27.46 -29.02
CA GLN C 108 -18.70 26.30 -28.70
C GLN C 108 -19.35 25.04 -29.29
N GLN C 109 -20.65 24.86 -29.06
CA GLN C 109 -21.38 23.69 -29.54
C GLN C 109 -21.45 23.63 -31.06
N GLN C 110 -21.59 24.80 -31.68
CA GLN C 110 -21.68 24.89 -33.13
C GLN C 110 -20.36 24.45 -33.75
N MET C 111 -19.24 24.99 -33.21
CA MET C 111 -17.84 24.74 -33.61
C MET C 111 -17.46 23.28 -33.46
N GLU C 112 -17.92 22.67 -32.38
CA GLU C 112 -17.72 21.26 -32.07
C GLU C 112 -18.33 20.36 -33.15
N GLY C 113 -19.54 20.69 -33.60
CA GLY C 113 -20.25 19.98 -34.66
C GLY C 113 -19.52 20.04 -35.99
N LEU C 114 -18.77 21.13 -36.21
CA LEU C 114 -17.98 21.30 -37.42
C LEU C 114 -16.68 20.50 -37.41
N LEU C 115 -16.06 20.37 -36.22
CA LEU C 115 -14.79 19.67 -36.05
C LEU C 115 -14.93 18.18 -35.79
N ALA C 116 -16.04 17.74 -35.15
CA ALA C 116 -16.24 16.34 -34.84
C ALA C 116 -16.03 15.38 -36.01
N PRO C 117 -16.53 15.69 -37.23
CA PRO C 117 -16.31 14.76 -38.36
C PRO C 117 -14.85 14.56 -38.78
N HIS C 118 -13.99 15.53 -38.46
CA HIS C 118 -12.58 15.49 -38.84
C HIS C 118 -11.66 14.91 -37.77
N ARG C 119 -12.19 14.51 -36.61
CA ARG C 119 -11.39 13.89 -35.57
C ARG C 119 -11.20 12.42 -35.91
N PRO C 120 -10.10 11.78 -35.45
CA PRO C 120 -9.93 10.35 -35.75
C PRO C 120 -10.90 9.48 -34.96
N LYS C 121 -11.63 8.62 -35.67
CA LYS C 121 -12.51 7.65 -34.99
C LYS C 121 -11.68 6.43 -34.43
N GLU C 122 -10.41 6.29 -34.87
CA GLU C 122 -9.50 5.23 -34.41
C GLU C 122 -8.72 5.69 -33.14
N PRO C 123 -8.03 4.77 -32.42
CA PRO C 123 -7.25 5.17 -31.24
C PRO C 123 -6.13 6.15 -31.63
N ALA C 124 -6.01 7.24 -30.85
CA ALA C 124 -5.07 8.31 -31.13
C ALA C 124 -4.61 9.06 -29.88
N TRP C 125 -3.41 9.71 -29.99
CA TRP C 125 -2.87 10.62 -28.97
C TRP C 125 -3.38 11.99 -29.38
N PHE C 126 -4.16 12.62 -28.53
CA PHE C 126 -4.74 13.92 -28.82
C PHE C 126 -4.07 15.00 -27.96
N LEU C 127 -3.48 15.98 -28.62
CA LEU C 127 -2.86 17.11 -27.92
C LEU C 127 -3.97 18.05 -27.52
N ALA C 128 -4.38 17.99 -26.26
CA ALA C 128 -5.47 18.79 -25.75
C ALA C 128 -5.11 20.27 -25.69
N THR C 129 -3.89 20.59 -25.20
CA THR C 129 -3.44 21.98 -25.11
C THR C 129 -1.93 22.05 -24.92
N VAL C 130 -1.35 23.13 -25.39
CA VAL C 130 0.08 23.42 -25.24
C VAL C 130 0.21 24.96 -25.14
N GLY C 131 0.99 25.40 -24.16
CA GLY C 131 1.22 26.82 -23.93
C GLY C 131 2.59 27.09 -23.39
N VAL C 132 3.15 28.23 -23.81
CA VAL C 132 4.47 28.71 -23.43
C VAL C 132 4.25 30.10 -22.91
N SER C 133 4.87 30.43 -21.74
CA SER C 133 4.76 31.77 -21.14
C SER C 133 5.16 32.84 -22.19
N PRO C 134 4.31 33.86 -22.44
CA PRO C 134 4.64 34.85 -23.47
C PRO C 134 6.09 35.38 -23.51
N ASP C 135 6.69 35.57 -22.33
CA ASP C 135 8.06 36.07 -22.24
C ASP C 135 9.14 35.02 -22.65
N HIS C 136 8.76 33.74 -22.72
CA HIS C 136 9.61 32.62 -23.12
C HIS C 136 9.22 32.03 -24.50
N GLN C 137 8.32 32.71 -25.24
CA GLN C 137 7.93 32.22 -26.57
C GLN C 137 9.07 32.49 -27.56
N GLY C 138 9.13 31.66 -28.60
CA GLY C 138 10.14 31.76 -29.63
C GLY C 138 11.53 31.21 -29.28
N LYS C 139 11.71 30.70 -28.04
CA LYS C 139 13.01 30.19 -27.60
C LYS C 139 13.15 28.65 -27.74
N GLY C 140 12.19 27.97 -28.38
CA GLY C 140 12.24 26.52 -28.59
C GLY C 140 11.59 25.67 -27.53
N LEU C 141 10.96 26.29 -26.51
CA LEU C 141 10.33 25.53 -25.43
C LEU C 141 9.12 24.70 -25.90
N GLY C 142 8.29 25.29 -26.76
CA GLY C 142 7.11 24.62 -27.30
C GLY C 142 7.44 23.33 -28.01
N SER C 143 8.47 23.37 -28.86
CA SER C 143 8.91 22.17 -29.58
C SER C 143 9.39 21.08 -28.62
N ALA C 144 10.12 21.50 -27.58
CA ALA C 144 10.68 20.58 -26.60
C ALA C 144 9.62 19.89 -25.74
N VAL C 145 8.53 20.61 -25.34
CA VAL C 145 7.48 20.00 -24.50
C VAL C 145 6.59 19.04 -25.24
N VAL C 146 6.30 19.34 -26.53
CA VAL C 146 5.41 18.50 -27.32
C VAL C 146 6.10 17.25 -27.88
N LEU C 147 7.45 17.30 -28.10
CA LEU C 147 8.20 16.19 -28.68
C LEU C 147 8.03 14.84 -27.96
N PRO C 148 8.08 14.78 -26.61
CA PRO C 148 7.90 13.47 -25.94
C PRO C 148 6.58 12.78 -26.25
N GLY C 149 5.49 13.55 -26.30
CA GLY C 149 4.18 13.01 -26.64
C GLY C 149 4.11 12.52 -28.08
N VAL C 150 4.77 13.26 -28.98
CA VAL C 150 4.86 12.92 -30.40
C VAL C 150 5.65 11.60 -30.55
N GLU C 151 6.77 11.45 -29.83
CA GLU C 151 7.58 10.22 -29.87
C GLU C 151 6.79 9.04 -29.26
N ALA C 152 6.03 9.31 -28.19
CA ALA C 152 5.22 8.29 -27.53
C ALA C 152 4.12 7.78 -28.47
N ALA C 153 3.45 8.68 -29.21
CA ALA C 153 2.40 8.27 -30.16
C ALA C 153 2.99 7.40 -31.27
N GLU C 154 4.20 7.74 -31.77
CA GLU C 154 4.87 6.98 -32.80
C GLU C 154 5.26 5.59 -32.28
N ARG C 155 5.81 5.52 -31.04
CA ARG C 155 6.19 4.24 -30.39
C ARG C 155 4.95 3.34 -30.26
N ALA C 156 3.80 3.92 -29.89
CA ALA C 156 2.54 3.18 -29.78
C ALA C 156 1.94 2.73 -31.12
N GLY C 157 2.44 3.26 -32.23
CA GLY C 157 1.92 2.93 -33.56
C GLY C 157 0.55 3.50 -33.84
N VAL C 158 0.23 4.67 -33.25
CA VAL C 158 -1.06 5.35 -33.42
C VAL C 158 -0.81 6.81 -33.85
N PRO C 159 -1.74 7.43 -34.56
CA PRO C 159 -1.54 8.84 -34.95
C PRO C 159 -1.69 9.82 -33.78
N ALA C 160 -1.05 10.97 -33.95
CA ALA C 160 -1.16 12.10 -33.03
C ALA C 160 -2.08 13.10 -33.72
N PHE C 161 -2.96 13.72 -32.97
CA PHE C 161 -3.96 14.63 -33.51
C PHE C 161 -4.09 15.92 -32.70
N LEU C 162 -4.39 17.05 -33.40
CA LEU C 162 -4.61 18.36 -32.78
C LEU C 162 -5.46 19.30 -33.67
N GLU C 163 -5.98 20.38 -33.06
CA GLU C 163 -6.77 21.41 -33.74
C GLU C 163 -6.17 22.75 -33.35
N THR C 164 -5.96 23.63 -34.34
CA THR C 164 -5.44 24.96 -34.08
C THR C 164 -6.24 26.00 -34.87
N SER C 165 -6.52 27.17 -34.27
CA SER C 165 -7.23 28.31 -34.88
C SER C 165 -6.30 29.53 -35.14
N ALA C 166 -4.99 29.39 -34.79
CA ALA C 166 -3.97 30.39 -35.00
C ALA C 166 -3.03 29.85 -36.14
N PRO C 167 -3.00 30.52 -37.33
CA PRO C 167 -2.20 30.04 -38.50
C PRO C 167 -0.68 30.10 -38.40
N ARG C 168 -0.22 30.88 -37.45
CA ARG C 168 1.18 31.04 -37.16
C ARG C 168 1.76 29.78 -36.55
N ASN C 169 0.93 28.91 -35.93
CA ASN C 169 1.32 27.61 -35.35
C ASN C 169 1.55 26.55 -36.39
N LEU C 170 0.94 26.68 -37.56
CA LEU C 170 1.01 25.72 -38.64
C LEU C 170 2.46 25.33 -38.96
N PRO C 171 3.40 26.28 -39.13
CA PRO C 171 4.80 25.88 -39.41
C PRO C 171 5.43 25.14 -38.25
N PHE C 172 5.05 25.56 -37.03
CA PHE C 172 5.52 24.99 -35.76
C PHE C 172 5.19 23.51 -35.67
N TYR C 173 3.94 23.12 -36.08
CA TYR C 173 3.50 21.71 -36.08
C TYR C 173 3.97 20.95 -37.31
N GLU C 174 4.11 21.65 -38.44
CA GLU C 174 4.62 21.03 -39.67
C GLU C 174 6.05 20.54 -39.44
N ARG C 175 6.90 21.32 -38.73
CA ARG C 175 8.28 20.92 -38.37
C ARG C 175 8.29 19.64 -37.51
N LEU C 176 7.29 19.46 -36.65
CA LEU C 176 7.13 18.27 -35.82
C LEU C 176 6.53 17.05 -36.55
N GLY C 177 6.25 17.19 -37.85
CA GLY C 177 5.74 16.11 -38.68
C GLY C 177 4.24 16.04 -38.88
N PHE C 178 3.53 17.04 -38.40
CA PHE C 178 2.08 17.09 -38.57
C PHE C 178 1.71 17.64 -39.94
N THR C 179 0.52 17.21 -40.43
CA THR C 179 -0.03 17.63 -41.72
C THR C 179 -1.50 18.04 -41.57
N VAL C 180 -1.91 19.07 -42.27
CA VAL C 180 -3.29 19.52 -42.25
C VAL C 180 -4.16 18.48 -42.93
N THR C 181 -5.13 17.93 -42.17
CA THR C 181 -6.12 16.96 -42.63
C THR C 181 -7.53 17.61 -42.82
N ALA C 182 -7.75 18.84 -42.29
CA ALA C 182 -8.99 19.57 -42.47
C ALA C 182 -8.75 21.05 -42.30
N ASP C 183 -9.40 21.85 -43.14
CA ASP C 183 -9.37 23.32 -43.12
C ASP C 183 -10.85 23.71 -42.98
N VAL C 184 -11.26 23.99 -41.76
CA VAL C 184 -12.66 24.25 -41.39
C VAL C 184 -12.97 25.73 -41.21
N GLU C 185 -14.01 26.20 -41.89
CA GLU C 185 -14.48 27.56 -41.81
C GLU C 185 -15.61 27.57 -40.73
N VAL C 186 -15.46 28.41 -39.72
CA VAL C 186 -16.43 28.52 -38.64
C VAL C 186 -17.24 29.80 -38.89
N PRO C 187 -18.60 29.72 -38.89
CA PRO C 187 -19.39 30.92 -39.15
C PRO C 187 -19.27 31.94 -38.04
N GLU C 188 -18.84 33.17 -38.42
CA GLU C 188 -18.55 34.27 -37.50
C GLU C 188 -17.47 33.87 -36.46
N GLY C 189 -16.64 32.88 -36.81
CA GLY C 189 -15.59 32.34 -35.99
C GLY C 189 -14.31 32.14 -36.76
N PRO C 190 -13.28 31.67 -36.05
CA PRO C 190 -11.97 31.52 -36.69
C PRO C 190 -11.84 30.28 -37.54
N ARG C 191 -11.07 30.40 -38.61
CA ARG C 191 -10.74 29.24 -39.46
C ARG C 191 -9.85 28.36 -38.59
N THR C 192 -10.15 27.05 -38.56
CA THR C 192 -9.49 26.06 -37.72
C THR C 192 -8.95 24.95 -38.60
N TRP C 193 -7.75 24.48 -38.29
CA TRP C 193 -7.05 23.42 -39.01
C TRP C 193 -6.88 22.24 -38.09
N CYS C 194 -7.25 21.07 -38.59
CA CYS C 194 -7.06 19.82 -37.91
C CYS C 194 -5.79 19.23 -38.46
N MET C 195 -4.92 18.75 -37.60
CA MET C 195 -3.64 18.19 -38.00
C MET C 195 -3.36 16.83 -37.38
N THR C 196 -2.88 15.92 -38.22
CA THR C 196 -2.54 14.55 -37.87
C THR C 196 -1.08 14.29 -38.22
N ARG C 197 -0.46 13.45 -37.41
CA ARG C 197 0.90 12.95 -37.61
C ARG C 197 0.83 11.43 -37.48
N LYS C 198 0.88 10.72 -38.62
CA LYS C 198 0.86 9.27 -38.63
C LYS C 198 2.24 8.75 -38.19
N PRO C 199 2.34 7.53 -37.61
CA PRO C 199 3.68 7.00 -37.25
C PRO C 199 4.59 6.82 -38.48
N GLY C 200 5.76 7.44 -38.40
CA GLY C 200 6.79 7.42 -39.43
C GLY C 200 6.81 8.66 -40.33
N ALA C 201 6.43 9.84 -39.77
CA ALA C 201 6.37 11.09 -40.52
C ALA C 201 7.73 11.80 -40.56
N LYS D 7 -28.60 -14.89 3.93
CA LYS D 7 -28.39 -14.95 5.38
C LYS D 7 -26.87 -15.16 5.78
N PRO D 8 -26.45 -14.85 7.05
CA PRO D 8 -25.02 -14.93 7.41
C PRO D 8 -24.51 -16.25 7.97
N THR D 9 -23.23 -16.56 7.65
CA THR D 9 -22.51 -17.73 8.17
C THR D 9 -21.43 -17.26 9.15
N VAL D 10 -21.62 -17.59 10.45
CA VAL D 10 -20.72 -17.22 11.54
C VAL D 10 -19.90 -18.41 12.00
N ARG D 11 -18.60 -18.20 12.20
CA ARG D 11 -17.68 -19.24 12.64
C ARG D 11 -16.42 -18.65 13.28
N LEU D 12 -15.65 -19.51 13.97
CA LEU D 12 -14.40 -19.07 14.56
C LEU D 12 -13.40 -18.77 13.45
N ALA D 13 -12.60 -17.75 13.69
CA ALA D 13 -11.59 -17.32 12.74
C ALA D 13 -10.36 -18.21 12.75
N THR D 14 -9.65 -18.21 11.59
CA THR D 14 -8.37 -18.90 11.34
C THR D 14 -7.33 -17.83 10.88
N ARG D 15 -6.03 -18.21 10.81
CA ARG D 15 -4.97 -17.28 10.37
C ARG D 15 -5.22 -16.78 8.93
N ASP D 16 -5.88 -17.60 8.11
CA ASP D 16 -6.23 -17.31 6.72
C ASP D 16 -7.21 -16.11 6.60
N ASP D 17 -7.97 -15.83 7.68
CA ASP D 17 -8.93 -14.74 7.72
C ASP D 17 -8.33 -13.39 8.15
N VAL D 18 -7.07 -13.36 8.63
CA VAL D 18 -6.45 -12.14 9.16
C VAL D 18 -6.45 -10.97 8.14
N PRO D 19 -6.06 -11.17 6.86
CA PRO D 19 -6.02 -10.02 5.94
C PRO D 19 -7.36 -9.30 5.75
N ARG D 20 -8.45 -10.07 5.55
CA ARG D 20 -9.76 -9.49 5.35
C ARG D 20 -10.29 -8.89 6.64
N ALA D 21 -10.12 -9.60 7.77
CA ALA D 21 -10.54 -9.12 9.09
C ALA D 21 -9.89 -7.80 9.46
N VAL D 22 -8.57 -7.66 9.19
CA VAL D 22 -7.84 -6.45 9.53
C VAL D 22 -8.30 -5.28 8.69
N ARG D 23 -8.48 -5.50 7.38
CA ARG D 23 -8.94 -4.40 6.54
C ARG D 23 -10.37 -3.98 6.92
N THR D 24 -11.21 -4.95 7.36
CA THR D 24 -12.57 -4.70 7.83
C THR D 24 -12.56 -3.86 9.13
N LEU D 25 -11.68 -4.23 10.09
CA LEU D 25 -11.50 -3.48 11.32
C LEU D 25 -10.91 -2.08 11.05
N ALA D 26 -9.97 -1.97 10.12
CA ALA D 26 -9.39 -0.67 9.76
C ALA D 26 -10.49 0.26 9.17
N ALA D 27 -11.32 -0.28 8.25
CA ALA D 27 -12.40 0.48 7.62
C ALA D 27 -13.53 0.85 8.59
N ALA D 28 -13.95 -0.08 9.46
CA ALA D 28 -15.00 0.18 10.41
C ALA D 28 -14.58 1.18 11.51
N PHE D 29 -13.28 1.20 11.92
CA PHE D 29 -12.77 2.13 12.94
C PHE D 29 -12.15 3.43 12.40
N ALA D 30 -12.30 3.68 11.08
CA ALA D 30 -11.77 4.88 10.44
C ALA D 30 -12.17 6.18 11.16
N ASP D 31 -13.45 6.32 11.58
CA ASP D 31 -13.91 7.55 12.26
C ASP D 31 -14.47 7.31 13.66
N TYR D 32 -13.94 6.27 14.35
CA TYR D 32 -14.40 5.94 15.68
C TYR D 32 -13.87 6.96 16.72
N PRO D 33 -14.73 7.53 17.59
CA PRO D 33 -14.24 8.56 18.53
C PRO D 33 -13.08 8.17 19.43
N ALA D 34 -13.10 6.95 19.98
CA ALA D 34 -12.06 6.50 20.89
C ALA D 34 -10.71 6.36 20.18
N THR D 35 -10.74 5.84 18.94
CA THR D 35 -9.54 5.63 18.13
C THR D 35 -8.94 6.96 17.72
N ARG D 36 -9.80 7.90 17.31
CA ARG D 36 -9.37 9.23 16.95
C ARG D 36 -8.75 9.99 18.14
N HIS D 37 -9.26 9.74 19.33
CA HIS D 37 -8.75 10.37 20.54
C HIS D 37 -7.44 9.76 21.04
N THR D 38 -7.24 8.45 20.85
CA THR D 38 -6.09 7.75 21.39
C THR D 38 -4.94 7.44 20.41
N VAL D 39 -5.13 7.57 19.07
CA VAL D 39 -4.06 7.26 18.11
C VAL D 39 -3.68 8.52 17.33
N ASP D 40 -2.36 8.74 17.17
CA ASP D 40 -1.72 9.86 16.43
C ASP D 40 -2.40 10.06 15.02
N PRO D 41 -2.82 11.31 14.66
CA PRO D 41 -3.49 11.58 13.37
C PRO D 41 -2.60 11.47 12.12
N ASP D 42 -1.26 11.54 12.33
CA ASP D 42 -0.28 11.41 11.23
C ASP D 42 -0.29 9.96 10.77
N ARG D 43 -0.64 9.70 9.50
CA ARG D 43 -0.75 8.33 8.95
C ARG D 43 -1.69 7.47 9.84
N HIS D 44 -2.79 8.09 10.26
CA HIS D 44 -3.76 7.53 11.19
C HIS D 44 -4.28 6.14 10.79
N ILE D 45 -4.78 5.98 9.57
CA ILE D 45 -5.36 4.71 9.16
C ILE D 45 -4.30 3.59 9.11
N GLU D 46 -3.05 3.93 8.78
CA GLU D 46 -1.97 2.95 8.77
C GLU D 46 -1.66 2.53 10.22
N ARG D 47 -1.65 3.48 11.17
CA ARG D 47 -1.41 3.21 12.59
C ARG D 47 -2.53 2.34 13.22
N VAL D 48 -3.79 2.67 12.90
CA VAL D 48 -4.97 1.93 13.36
C VAL D 48 -4.98 0.52 12.80
N THR D 49 -4.59 0.37 11.52
CA THR D 49 -4.53 -0.94 10.86
C THR D 49 -3.52 -1.84 11.57
N GLU D 50 -2.35 -1.30 11.93
CA GLU D 50 -1.33 -2.09 12.62
C GLU D 50 -1.82 -2.50 14.02
N LEU D 51 -2.49 -1.58 14.75
CA LEU D 51 -3.01 -1.89 16.08
C LEU D 51 -4.05 -3.01 16.02
N GLN D 52 -4.96 -2.94 15.04
CA GLN D 52 -5.98 -3.97 14.86
C GLN D 52 -5.34 -5.31 14.49
N GLU D 53 -4.29 -5.30 13.66
CA GLU D 53 -3.57 -6.51 13.29
C GLU D 53 -2.88 -7.11 14.52
N LEU D 54 -2.16 -6.29 15.29
CA LEU D 54 -1.45 -6.74 16.49
C LEU D 54 -2.41 -7.35 17.52
N PHE D 55 -3.57 -6.72 17.70
CA PHE D 55 -4.53 -7.21 18.67
C PHE D 55 -5.21 -8.49 18.14
N LEU D 56 -5.67 -8.48 16.87
CA LEU D 56 -6.34 -9.65 16.28
C LEU D 56 -5.46 -10.90 16.34
N THR D 57 -4.16 -10.76 16.01
CA THR D 57 -3.26 -11.90 15.95
C THR D 57 -2.65 -12.28 17.33
N ARG D 58 -1.85 -11.38 17.94
CA ARG D 58 -1.11 -11.66 19.17
C ARG D 58 -1.98 -11.79 20.40
N VAL D 59 -3.20 -11.22 20.39
CA VAL D 59 -4.12 -11.32 21.51
C VAL D 59 -5.32 -12.24 21.12
N GLY D 60 -6.14 -11.82 20.15
CA GLY D 60 -7.31 -12.58 19.71
C GLY D 60 -7.05 -14.03 19.37
N LEU D 61 -6.29 -14.28 18.30
CA LEU D 61 -6.03 -15.65 17.87
C LEU D 61 -5.14 -16.43 18.83
N ASP D 62 -4.05 -15.79 19.32
CA ASP D 62 -3.13 -16.46 20.24
C ASP D 62 -3.74 -16.87 21.61
N ILE D 63 -4.39 -15.92 22.34
CA ILE D 63 -4.90 -16.19 23.69
C ILE D 63 -6.40 -15.91 23.93
N GLY D 64 -7.10 -15.30 23.00
CA GLY D 64 -8.52 -15.00 23.13
C GLY D 64 -9.39 -15.87 22.24
N LYS D 65 -10.56 -15.32 21.82
CA LYS D 65 -11.52 -15.99 20.94
C LYS D 65 -11.95 -15.02 19.86
N VAL D 66 -11.92 -15.46 18.59
CA VAL D 66 -12.26 -14.58 17.47
C VAL D 66 -13.29 -15.26 16.59
N TRP D 67 -14.36 -14.52 16.26
CA TRP D 67 -15.41 -14.95 15.34
C TRP D 67 -15.43 -14.05 14.12
N VAL D 68 -15.93 -14.58 12.98
CA VAL D 68 -16.04 -13.89 11.68
C VAL D 68 -17.34 -14.30 11.00
N ALA D 69 -17.99 -13.37 10.30
CA ALA D 69 -19.19 -13.64 9.51
C ALA D 69 -18.85 -13.34 8.06
N ASP D 70 -19.28 -14.25 7.15
CA ASP D 70 -19.08 -14.13 5.70
C ASP D 70 -17.59 -13.90 5.34
N ASP D 71 -16.74 -14.81 5.88
CA ASP D 71 -15.30 -14.86 5.67
C ASP D 71 -14.54 -13.57 6.04
N GLY D 72 -15.02 -12.84 7.04
CA GLY D 72 -14.36 -11.63 7.51
C GLY D 72 -15.03 -10.33 7.17
N ALA D 73 -16.26 -10.38 6.63
CA ALA D 73 -17.06 -9.17 6.38
C ALA D 73 -17.38 -8.46 7.74
N ALA D 74 -17.49 -9.25 8.83
CA ALA D 74 -17.59 -8.80 10.21
C ALA D 74 -16.68 -9.68 11.08
N VAL D 75 -16.16 -9.07 12.18
CA VAL D 75 -15.22 -9.70 13.12
C VAL D 75 -15.60 -9.32 14.54
N ALA D 76 -15.33 -10.21 15.50
CA ALA D 76 -15.53 -9.95 16.93
C ALA D 76 -14.35 -10.61 17.66
N VAL D 77 -13.63 -9.83 18.48
CA VAL D 77 -12.47 -10.30 19.24
C VAL D 77 -12.78 -10.21 20.72
N TRP D 78 -12.70 -11.36 21.43
CA TRP D 78 -12.93 -11.50 22.88
C TRP D 78 -11.69 -11.97 23.59
N THR D 79 -11.53 -11.55 24.85
CA THR D 79 -10.54 -12.07 25.79
C THR D 79 -11.43 -12.68 26.89
N THR D 80 -11.14 -13.89 27.26
CA THR D 80 -11.98 -14.65 28.19
C THR D 80 -11.23 -14.84 29.53
N PRO D 81 -11.88 -15.44 30.54
CA PRO D 81 -11.14 -15.77 31.79
C PRO D 81 -9.98 -16.79 31.61
N GLU D 82 -10.00 -17.55 30.50
CA GLU D 82 -8.96 -18.50 30.15
C GLU D 82 -7.85 -17.87 29.28
N SER D 83 -7.87 -16.52 29.08
CA SER D 83 -6.79 -15.79 28.36
C SER D 83 -5.70 -15.50 29.39
N VAL D 84 -5.02 -16.56 29.78
CA VAL D 84 -4.01 -16.59 30.83
C VAL D 84 -2.67 -15.82 30.61
N GLU D 85 -2.02 -15.87 29.43
CA GLU D 85 -0.75 -15.16 29.33
C GLU D 85 -0.88 -13.72 28.86
N ALA D 86 -2.14 -13.12 28.91
CA ALA D 86 -2.33 -11.67 28.78
C ALA D 86 -1.55 -11.05 29.94
N GLY D 87 -0.52 -10.28 29.62
CA GLY D 87 0.37 -9.72 30.65
C GLY D 87 1.80 -9.84 30.17
N ALA D 88 2.16 -11.10 29.87
CA ALA D 88 3.44 -11.42 29.26
C ALA D 88 3.41 -10.99 27.75
N VAL D 89 2.25 -11.22 27.12
CA VAL D 89 1.93 -10.81 25.74
C VAL D 89 2.00 -9.25 25.67
N PHE D 90 1.43 -8.60 26.70
CA PHE D 90 1.39 -7.14 26.83
C PHE D 90 2.79 -6.54 26.97
N ALA D 91 3.71 -7.27 27.61
CA ALA D 91 5.10 -6.84 27.70
C ALA D 91 5.79 -6.83 26.30
N GLU D 92 5.33 -7.74 25.40
CA GLU D 92 5.88 -7.84 24.05
C GLU D 92 5.28 -6.82 23.07
N ILE D 93 3.96 -6.82 22.93
CA ILE D 93 3.30 -5.91 21.96
C ILE D 93 3.07 -4.50 22.51
N GLY D 94 2.99 -4.43 23.82
CA GLY D 94 2.83 -3.22 24.60
C GLY D 94 3.62 -1.99 24.11
N PRO D 95 5.00 -2.00 24.11
CA PRO D 95 5.79 -0.84 23.64
C PRO D 95 5.54 -0.40 22.18
N ARG D 96 5.23 -1.38 21.29
CA ARG D 96 4.92 -1.07 19.89
C ARG D 96 3.57 -0.34 19.81
N MET D 97 2.61 -0.74 20.63
CA MET D 97 1.29 -0.08 20.68
C MET D 97 1.42 1.39 21.14
N ALA D 98 2.39 1.68 22.01
CA ALA D 98 2.66 3.04 22.50
C ALA D 98 3.32 3.91 21.39
N GLU D 99 4.08 3.30 20.49
CA GLU D 99 4.72 3.98 19.34
C GLU D 99 3.63 4.33 18.30
N LEU D 100 2.66 3.42 18.11
CA LEU D 100 1.53 3.62 17.20
C LEU D 100 0.55 4.66 17.73
N SER D 101 0.49 4.83 19.04
CA SER D 101 -0.30 5.90 19.66
C SER D 101 0.44 7.24 19.45
N GLY D 102 1.77 7.23 19.50
CA GLY D 102 2.63 8.37 19.31
C GLY D 102 2.21 9.60 20.09
N SER D 103 1.87 10.66 19.40
CA SER D 103 1.49 11.92 20.02
C SER D 103 0.34 11.85 21.01
N ARG D 104 -0.57 10.91 20.77
CA ARG D 104 -1.78 10.77 21.58
C ARG D 104 -1.68 9.78 22.73
N LEU D 105 -0.45 9.39 23.11
CA LEU D 105 -0.20 8.45 24.20
C LEU D 105 -0.66 9.01 25.56
N ALA D 106 -0.50 10.32 25.77
CA ALA D 106 -0.96 10.93 27.01
C ALA D 106 -2.48 10.84 27.13
N ALA D 107 -3.19 11.08 25.99
CA ALA D 107 -4.66 10.99 25.92
C ALA D 107 -5.15 9.56 26.18
N GLN D 108 -4.46 8.57 25.58
CA GLN D 108 -4.76 7.16 25.76
C GLN D 108 -4.60 6.78 27.25
N GLN D 109 -3.48 7.21 27.86
CA GLN D 109 -3.20 6.92 29.27
C GLN D 109 -4.18 7.61 30.21
N GLN D 110 -4.56 8.85 29.89
CA GLN D 110 -5.58 9.57 30.67
C GLN D 110 -6.92 8.81 30.65
N MET D 111 -7.33 8.39 29.45
CA MET D 111 -8.59 7.67 29.24
C MET D 111 -8.61 6.32 29.95
N GLU D 112 -7.46 5.62 29.97
CA GLU D 112 -7.36 4.35 30.66
C GLU D 112 -7.59 4.52 32.16
N GLY D 113 -7.06 5.61 32.74
CA GLY D 113 -7.24 5.91 34.16
C GLY D 113 -8.68 6.19 34.55
N LEU D 114 -9.46 6.73 33.60
CA LEU D 114 -10.87 7.02 33.84
C LEU D 114 -11.75 5.78 33.74
N LEU D 115 -11.39 4.85 32.85
CA LEU D 115 -12.16 3.63 32.61
C LEU D 115 -11.79 2.46 33.51
N ALA D 116 -10.50 2.39 33.94
CA ALA D 116 -10.03 1.29 34.78
C ALA D 116 -10.90 0.99 35.99
N PRO D 117 -11.38 2.01 36.74
CA PRO D 117 -12.22 1.72 37.90
C PRO D 117 -13.56 1.04 37.59
N HIS D 118 -14.06 1.23 36.36
CA HIS D 118 -15.35 0.67 35.97
C HIS D 118 -15.28 -0.69 35.30
N ARG D 119 -14.07 -1.25 35.13
CA ARG D 119 -13.93 -2.58 34.55
C ARG D 119 -14.17 -3.62 35.62
N PRO D 120 -14.63 -4.85 35.26
CA PRO D 120 -14.84 -5.87 36.29
C PRO D 120 -13.51 -6.43 36.83
N LYS D 121 -13.36 -6.41 38.16
CA LYS D 121 -12.19 -7.01 38.80
C LYS D 121 -12.34 -8.57 38.91
N GLU D 122 -13.58 -9.10 38.68
CA GLU D 122 -13.88 -10.52 38.70
C GLU D 122 -13.65 -11.13 37.28
N PRO D 123 -13.63 -12.49 37.16
CA PRO D 123 -13.45 -13.11 35.83
C PRO D 123 -14.61 -12.76 34.90
N ALA D 124 -14.32 -12.47 33.64
CA ALA D 124 -15.35 -12.04 32.70
C ALA D 124 -14.93 -12.23 31.25
N TRP D 125 -15.89 -12.13 30.32
CA TRP D 125 -15.66 -12.13 28.89
C TRP D 125 -15.62 -10.66 28.45
N PHE D 126 -14.54 -10.21 27.84
CA PHE D 126 -14.39 -8.82 27.41
C PHE D 126 -14.40 -8.79 25.90
N LEU D 127 -15.32 -8.02 25.33
CA LEU D 127 -15.35 -7.83 23.89
C LEU D 127 -14.35 -6.69 23.60
N ALA D 128 -13.14 -7.08 23.13
CA ALA D 128 -12.03 -6.17 22.83
C ALA D 128 -12.36 -5.26 21.68
N THR D 129 -12.92 -5.83 20.59
CA THR D 129 -13.29 -5.05 19.40
C THR D 129 -14.26 -5.84 18.52
N VAL D 130 -15.15 -5.12 17.86
CA VAL D 130 -16.12 -5.66 16.91
C VAL D 130 -16.21 -4.61 15.78
N GLY D 131 -16.14 -5.10 14.53
CA GLY D 131 -16.24 -4.27 13.33
C GLY D 131 -16.91 -4.98 12.19
N VAL D 132 -17.76 -4.27 11.46
CA VAL D 132 -18.43 -4.74 10.24
C VAL D 132 -17.97 -3.80 9.11
N SER D 133 -17.67 -4.36 7.93
CA SER D 133 -17.27 -3.58 6.75
C SER D 133 -18.33 -2.51 6.45
N PRO D 134 -17.95 -1.22 6.33
CA PRO D 134 -18.97 -0.17 6.12
C PRO D 134 -20.07 -0.45 5.11
N ASP D 135 -19.75 -1.13 4.02
CA ASP D 135 -20.71 -1.46 2.97
C ASP D 135 -21.71 -2.58 3.37
N HIS D 136 -21.40 -3.33 4.45
CA HIS D 136 -22.22 -4.39 5.02
C HIS D 136 -22.84 -4.03 6.39
N GLN D 137 -22.73 -2.76 6.80
CA GLN D 137 -23.32 -2.35 8.07
C GLN D 137 -24.85 -2.26 7.92
N GLY D 138 -25.55 -2.44 9.04
CA GLY D 138 -27.01 -2.39 9.09
C GLY D 138 -27.71 -3.64 8.57
N LYS D 139 -26.95 -4.66 8.18
CA LYS D 139 -27.51 -5.89 7.63
C LYS D 139 -27.70 -7.01 8.67
N GLY D 140 -27.35 -6.77 9.92
CA GLY D 140 -27.44 -7.79 10.98
C GLY D 140 -26.18 -8.59 11.24
N LEU D 141 -25.06 -8.26 10.54
CA LEU D 141 -23.82 -9.00 10.72
C LEU D 141 -23.20 -8.80 12.11
N GLY D 142 -23.23 -7.57 12.62
CA GLY D 142 -22.69 -7.25 13.94
C GLY D 142 -23.33 -8.06 15.04
N SER D 143 -24.65 -8.15 15.01
CA SER D 143 -25.37 -8.95 16.02
C SER D 143 -24.99 -10.41 15.93
N ALA D 144 -24.83 -10.94 14.71
CA ALA D 144 -24.52 -12.33 14.49
C ALA D 144 -23.10 -12.70 14.96
N VAL D 145 -22.09 -11.82 14.78
CA VAL D 145 -20.72 -12.14 15.19
C VAL D 145 -20.51 -12.10 16.70
N VAL D 146 -21.18 -11.17 17.42
CA VAL D 146 -20.99 -11.07 18.87
C VAL D 146 -21.81 -12.12 19.63
N LEU D 147 -22.96 -12.56 19.06
CA LEU D 147 -23.86 -13.50 19.75
C LEU D 147 -23.13 -14.74 20.32
N PRO D 148 -22.24 -15.44 19.55
CA PRO D 148 -21.56 -16.62 20.11
C PRO D 148 -20.76 -16.33 21.38
N GLY D 149 -20.05 -15.21 21.41
CA GLY D 149 -19.27 -14.81 22.59
C GLY D 149 -20.17 -14.50 23.77
N VAL D 150 -21.33 -13.87 23.50
CA VAL D 150 -22.33 -13.55 24.51
C VAL D 150 -22.92 -14.85 25.10
N GLU D 151 -23.24 -15.83 24.24
CA GLU D 151 -23.77 -17.12 24.68
C GLU D 151 -22.69 -17.89 25.47
N ALA D 152 -21.42 -17.80 25.04
CA ALA D 152 -20.31 -18.45 25.70
C ALA D 152 -20.10 -17.89 27.11
N ALA D 153 -20.18 -16.56 27.28
CA ALA D 153 -20.03 -15.93 28.58
C ALA D 153 -21.14 -16.39 29.54
N GLU D 154 -22.38 -16.49 29.03
CA GLU D 154 -23.52 -16.94 29.83
C GLU D 154 -23.35 -18.41 30.25
N ARG D 155 -22.91 -19.28 29.30
CA ARG D 155 -22.64 -20.70 29.59
C ARG D 155 -21.58 -20.83 30.68
N ALA D 156 -20.53 -20.00 30.63
CA ALA D 156 -19.47 -19.98 31.64
C ALA D 156 -19.90 -19.42 33.01
N GLY D 157 -21.07 -18.79 33.08
CA GLY D 157 -21.57 -18.19 34.32
C GLY D 157 -20.79 -16.96 34.76
N VAL D 158 -20.26 -16.19 33.80
CA VAL D 158 -19.49 -14.97 34.07
C VAL D 158 -20.08 -13.81 33.23
N PRO D 159 -19.91 -12.56 33.68
CA PRO D 159 -20.43 -11.44 32.88
C PRO D 159 -19.62 -11.14 31.63
N ALA D 160 -20.28 -10.51 30.67
CA ALA D 160 -19.67 -10.04 29.45
C ALA D 160 -19.53 -8.51 29.63
N PHE D 161 -18.43 -7.95 29.17
CA PHE D 161 -18.12 -6.55 29.36
C PHE D 161 -17.56 -5.89 28.11
N LEU D 162 -17.89 -4.60 27.91
CA LEU D 162 -17.39 -3.79 26.79
C LEU D 162 -17.43 -2.26 27.09
N GLU D 163 -16.74 -1.48 26.27
CA GLU D 163 -16.69 -0.01 26.36
C GLU D 163 -16.96 0.52 24.97
N THR D 164 -17.83 1.53 24.87
CA THR D 164 -18.14 2.15 23.60
C THR D 164 -18.15 3.67 23.77
N SER D 165 -17.59 4.38 22.78
CA SER D 165 -17.51 5.83 22.72
C SER D 165 -18.41 6.39 21.59
N ALA D 166 -19.26 5.54 20.95
CA ALA D 166 -20.22 5.90 19.93
C ALA D 166 -21.63 5.61 20.48
N PRO D 167 -22.46 6.63 20.72
CA PRO D 167 -23.81 6.38 21.26
C PRO D 167 -24.78 5.63 20.34
N ARG D 168 -24.48 5.56 19.01
CA ARG D 168 -25.25 4.77 18.01
C ARG D 168 -25.26 3.25 18.40
N ASN D 169 -24.19 2.80 19.07
CA ASN D 169 -24.03 1.40 19.45
C ASN D 169 -24.85 1.02 20.67
N LEU D 170 -25.30 2.01 21.51
CA LEU D 170 -26.03 1.66 22.74
C LEU D 170 -27.28 0.81 22.46
N PRO D 171 -28.15 1.17 21.50
CA PRO D 171 -29.32 0.30 21.22
C PRO D 171 -28.91 -1.10 20.75
N PHE D 172 -27.86 -1.19 19.92
CA PHE D 172 -27.34 -2.47 19.41
C PHE D 172 -26.92 -3.42 20.54
N TYR D 173 -26.23 -2.91 21.54
CA TYR D 173 -25.79 -3.71 22.66
C TYR D 173 -26.92 -3.96 23.65
N GLU D 174 -27.84 -3.01 23.81
CA GLU D 174 -29.00 -3.16 24.69
C GLU D 174 -29.87 -4.35 24.21
N ARG D 175 -30.06 -4.48 22.88
CA ARG D 175 -30.82 -5.60 22.28
C ARG D 175 -30.22 -6.96 22.63
N LEU D 176 -28.86 -7.03 22.68
CA LEU D 176 -28.11 -8.25 23.04
C LEU D 176 -28.12 -8.55 24.56
N GLY D 177 -28.73 -7.69 25.39
CA GLY D 177 -28.83 -7.88 26.83
C GLY D 177 -27.87 -7.09 27.70
N PHE D 178 -27.08 -6.19 27.10
CA PHE D 178 -26.14 -5.37 27.86
C PHE D 178 -26.82 -4.17 28.48
N THR D 179 -26.24 -3.70 29.59
CA THR D 179 -26.73 -2.54 30.34
C THR D 179 -25.57 -1.61 30.68
N VAL D 180 -25.83 -0.31 30.63
CA VAL D 180 -24.83 0.71 30.98
C VAL D 180 -24.55 0.62 32.48
N THR D 181 -23.28 0.34 32.83
CA THR D 181 -22.78 0.30 34.20
C THR D 181 -21.92 1.56 34.55
N ALA D 182 -21.50 2.35 33.53
CA ALA D 182 -20.76 3.59 33.75
C ALA D 182 -20.93 4.52 32.57
N ASP D 183 -21.06 5.82 32.85
CA ASP D 183 -21.19 6.90 31.85
C ASP D 183 -20.04 7.86 32.21
N VAL D 184 -18.93 7.70 31.48
CA VAL D 184 -17.67 8.40 31.75
C VAL D 184 -17.43 9.57 30.78
N GLU D 185 -17.16 10.75 31.35
CA GLU D 185 -16.85 11.94 30.60
C GLU D 185 -15.31 12.02 30.49
N VAL D 186 -14.80 12.12 29.27
CA VAL D 186 -13.36 12.19 29.02
C VAL D 186 -13.05 13.66 28.71
N PRO D 187 -12.07 14.28 29.41
CA PRO D 187 -11.74 15.69 29.13
C PRO D 187 -11.15 15.87 27.75
N GLU D 188 -11.80 16.75 26.95
CA GLU D 188 -11.46 16.99 25.54
C GLU D 188 -11.53 15.70 24.69
N GLY D 189 -12.30 14.72 25.17
CA GLY D 189 -12.48 13.41 24.55
C GLY D 189 -13.94 13.00 24.55
N PRO D 190 -14.24 11.78 24.07
CA PRO D 190 -15.65 11.37 23.95
C PRO D 190 -16.35 10.88 25.20
N ARG D 191 -17.70 10.84 25.19
CA ARG D 191 -18.45 10.27 26.31
C ARG D 191 -18.34 8.78 26.06
N THR D 192 -17.91 8.05 27.07
CA THR D 192 -17.74 6.61 26.98
C THR D 192 -18.72 5.92 27.91
N TRP D 193 -19.25 4.79 27.48
CA TRP D 193 -20.16 3.99 28.27
C TRP D 193 -19.58 2.62 28.44
N CYS D 194 -19.54 2.15 29.67
CA CYS D 194 -19.13 0.80 30.00
C CYS D 194 -20.41 -0.01 30.10
N MET D 195 -20.44 -1.20 29.49
CA MET D 195 -21.63 -2.04 29.54
C MET D 195 -21.31 -3.42 29.95
N THR D 196 -22.26 -4.02 30.69
CA THR D 196 -22.15 -5.34 31.25
C THR D 196 -23.41 -6.11 30.95
N ARG D 197 -23.24 -7.41 30.77
CA ARG D 197 -24.33 -8.36 30.58
C ARG D 197 -24.09 -9.53 31.54
N LYS D 198 -24.83 -9.57 32.65
CA LYS D 198 -24.71 -10.65 33.63
C LYS D 198 -25.39 -11.91 33.06
N PRO D 199 -24.98 -13.13 33.47
CA PRO D 199 -25.66 -14.34 32.97
C PRO D 199 -27.15 -14.38 33.36
N GLY D 200 -28.01 -14.52 32.36
CA GLY D 200 -29.47 -14.57 32.48
C GLY D 200 -30.15 -13.25 32.20
N ALA D 201 -29.60 -12.43 31.26
CA ALA D 201 -30.16 -11.13 30.92
C ALA D 201 -31.23 -11.25 29.84
N PRO E 8 6.49 6.33 4.97
CA PRO E 8 7.75 6.71 5.66
C PRO E 8 7.85 8.20 5.89
N THR E 9 8.44 8.65 7.04
CA THR E 9 8.60 10.10 7.25
C THR E 9 10.02 10.45 7.70
N VAL E 10 10.76 11.13 6.81
CA VAL E 10 12.15 11.56 7.03
C VAL E 10 12.17 13.07 7.24
N ARG E 11 12.99 13.50 8.19
CA ARG E 11 13.11 14.92 8.50
C ARG E 11 14.34 15.18 9.37
N LEU E 12 14.71 16.47 9.52
CA LEU E 12 15.87 16.87 10.30
C LEU E 12 15.66 16.63 11.77
N ALA E 13 16.73 16.24 12.44
CA ALA E 13 16.70 15.95 13.84
C ALA E 13 16.74 17.20 14.70
N THR E 14 16.16 17.07 15.92
CA THR E 14 16.12 18.06 17.00
C THR E 14 16.78 17.42 18.27
N ARG E 15 17.05 18.22 19.30
CA ARG E 15 17.64 17.70 20.56
C ARG E 15 16.73 16.64 21.22
N ASP E 16 15.41 16.77 21.00
CA ASP E 16 14.38 15.86 21.53
C ASP E 16 14.54 14.41 20.97
N ASP E 17 15.20 14.28 19.79
CA ASP E 17 15.42 12.99 19.14
C ASP E 17 16.72 12.28 19.58
N VAL E 18 17.59 12.94 20.37
CA VAL E 18 18.88 12.38 20.78
C VAL E 18 18.76 11.01 21.51
N PRO E 19 17.83 10.83 22.48
CA PRO E 19 17.77 9.53 23.18
C PRO E 19 17.47 8.34 22.27
N ARG E 20 16.41 8.44 21.42
CA ARG E 20 16.02 7.37 20.48
C ARG E 20 17.18 7.03 19.52
N ALA E 21 17.72 8.07 18.84
CA ALA E 21 18.84 7.99 17.90
C ALA E 21 20.09 7.37 18.51
N VAL E 22 20.46 7.75 19.75
CA VAL E 22 21.62 7.15 20.42
C VAL E 22 21.36 5.64 20.62
N ARG E 23 20.14 5.27 21.02
CA ARG E 23 19.80 3.84 21.23
C ARG E 23 19.79 3.09 19.87
N THR E 24 19.44 3.80 18.76
CA THR E 24 19.43 3.22 17.40
C THR E 24 20.87 2.91 16.97
N LEU E 25 21.78 3.88 17.16
CA LEU E 25 23.17 3.75 16.74
C LEU E 25 23.96 2.83 17.67
N ALA E 26 23.70 2.83 18.99
CA ALA E 26 24.39 1.87 19.88
C ALA E 26 24.03 0.41 19.45
N ALA E 27 22.73 0.17 19.17
CA ALA E 27 22.24 -1.14 18.73
C ALA E 27 22.73 -1.51 17.32
N ALA E 28 22.75 -0.55 16.38
CA ALA E 28 23.21 -0.81 15.02
C ALA E 28 24.73 -1.00 14.92
N PHE E 29 25.53 -0.38 15.81
CA PHE E 29 26.99 -0.54 15.82
C PHE E 29 27.53 -1.58 16.81
N ALA E 30 26.63 -2.37 17.40
CA ALA E 30 27.02 -3.40 18.38
C ALA E 30 28.15 -4.33 17.86
N ASP E 31 28.06 -4.81 16.62
CA ASP E 31 29.04 -5.74 16.06
C ASP E 31 29.69 -5.20 14.79
N TYR E 32 29.81 -3.87 14.66
CA TYR E 32 30.40 -3.27 13.45
C TYR E 32 31.93 -3.48 13.51
N PRO E 33 32.57 -3.99 12.41
CA PRO E 33 34.01 -4.28 12.46
C PRO E 33 34.94 -3.12 12.86
N ALA E 34 34.68 -1.92 12.35
CA ALA E 34 35.51 -0.75 12.63
C ALA E 34 35.45 -0.38 14.12
N THR E 35 34.25 -0.47 14.70
CA THR E 35 34.05 -0.11 16.12
C THR E 35 34.69 -1.15 17.04
N ARG E 36 34.59 -2.42 16.67
CA ARG E 36 35.24 -3.49 17.41
C ARG E 36 36.77 -3.33 17.38
N HIS E 37 37.31 -2.84 16.26
CA HIS E 37 38.74 -2.62 16.10
C HIS E 37 39.27 -1.37 16.83
N THR E 38 38.46 -0.31 16.88
CA THR E 38 38.92 0.97 17.42
C THR E 38 38.39 1.37 18.80
N VAL E 39 37.46 0.58 19.40
CA VAL E 39 36.89 0.87 20.72
C VAL E 39 37.15 -0.28 21.70
N ASP E 40 37.75 0.01 22.88
CA ASP E 40 38.10 -0.92 23.99
C ASP E 40 36.97 -1.92 24.32
N PRO E 41 37.31 -3.24 24.41
CA PRO E 41 36.26 -4.25 24.70
C PRO E 41 35.65 -4.20 26.11
N ASP E 42 36.40 -3.64 27.10
CA ASP E 42 36.01 -3.46 28.50
C ASP E 42 34.87 -2.45 28.50
N ARG E 43 33.69 -2.83 29.06
CA ARG E 43 32.44 -2.02 29.02
C ARG E 43 32.24 -1.42 27.61
N HIS E 44 32.32 -2.32 26.60
CA HIS E 44 32.35 -1.94 25.19
C HIS E 44 31.17 -1.11 24.80
N ILE E 45 29.96 -1.67 24.92
CA ILE E 45 28.75 -0.97 24.50
C ILE E 45 28.55 0.36 25.29
N GLU E 46 28.90 0.43 26.61
CA GLU E 46 28.78 1.70 27.35
C GLU E 46 29.67 2.78 26.69
N ARG E 47 30.88 2.37 26.25
CA ARG E 47 31.85 3.24 25.55
C ARG E 47 31.36 3.71 24.16
N VAL E 48 30.87 2.76 23.35
CA VAL E 48 30.33 2.95 21.99
C VAL E 48 29.03 3.78 21.96
N THR E 49 28.25 3.68 23.03
CA THR E 49 26.99 4.42 23.18
C THR E 49 27.28 5.87 23.60
N GLU E 50 28.41 6.08 24.29
CA GLU E 50 28.89 7.38 24.75
C GLU E 50 29.56 8.17 23.57
N LEU E 51 30.19 7.45 22.64
CA LEU E 51 30.82 8.02 21.43
C LEU E 51 29.78 8.46 20.39
N GLN E 52 28.73 7.67 20.28
CA GLN E 52 27.56 7.94 19.44
C GLN E 52 26.70 9.07 20.02
N GLU E 53 26.79 9.24 21.34
CA GLU E 53 26.14 10.30 22.10
C GLU E 53 26.93 11.60 21.78
N LEU E 54 28.26 11.61 22.09
CA LEU E 54 29.18 12.74 21.86
C LEU E 54 29.13 13.24 20.42
N PHE E 55 29.25 12.32 19.46
CA PHE E 55 29.30 12.71 18.06
C PHE E 55 27.98 13.28 17.54
N LEU E 56 26.87 12.60 17.84
CA LEU E 56 25.56 13.05 17.37
C LEU E 56 25.21 14.48 17.83
N THR E 57 25.61 14.84 19.07
CA THR E 57 25.30 16.13 19.68
C THR E 57 26.36 17.24 19.46
N ARG E 58 27.61 17.03 19.92
CA ARG E 58 28.65 18.04 19.83
C ARG E 58 29.19 18.25 18.40
N VAL E 59 29.00 17.27 17.51
CA VAL E 59 29.42 17.39 16.13
C VAL E 59 28.16 17.53 15.23
N GLY E 60 27.36 16.46 15.08
CA GLY E 60 26.17 16.42 14.23
C GLY E 60 25.21 17.58 14.38
N LEU E 61 24.58 17.71 15.54
CA LEU E 61 23.61 18.77 15.78
C LEU E 61 24.27 20.15 15.85
N ASP E 62 25.39 20.26 16.58
CA ASP E 62 26.06 21.56 16.72
C ASP E 62 26.60 22.16 15.39
N ILE E 63 27.41 21.40 14.61
CA ILE E 63 28.07 21.94 13.41
C ILE E 63 27.84 21.15 12.10
N GLY E 64 27.11 20.04 12.19
CA GLY E 64 26.81 19.17 11.06
C GLY E 64 25.39 19.26 10.59
N LYS E 65 24.85 18.15 10.09
CA LYS E 65 23.49 18.04 9.54
C LYS E 65 23.01 16.61 9.81
N VAL E 66 21.94 16.46 10.60
CA VAL E 66 21.42 15.15 11.00
C VAL E 66 19.98 14.98 10.56
N TRP E 67 19.65 13.78 10.09
CA TRP E 67 18.31 13.35 9.70
C TRP E 67 17.89 12.13 10.50
N VAL E 68 16.56 11.99 10.62
CA VAL E 68 15.91 10.89 11.28
C VAL E 68 14.68 10.50 10.44
N ALA E 69 14.20 9.28 10.70
CA ALA E 69 13.02 8.72 10.05
C ALA E 69 12.21 7.95 11.09
N ASP E 70 10.87 8.04 11.00
CA ASP E 70 9.91 7.41 11.91
C ASP E 70 10.29 7.68 13.39
N ASP E 71 10.55 9.00 13.68
CA ASP E 71 10.97 9.60 14.97
C ASP E 71 12.20 8.88 15.64
N GLY E 72 13.31 8.79 14.89
CA GLY E 72 14.57 8.23 15.37
C GLY E 72 14.88 6.77 15.07
N ALA E 73 13.97 6.06 14.36
CA ALA E 73 14.14 4.63 13.99
C ALA E 73 15.26 4.36 12.91
N ALA E 74 15.79 5.44 12.33
CA ALA E 74 16.91 5.42 11.38
C ALA E 74 17.53 6.82 11.37
N VAL E 75 18.87 6.87 11.49
CA VAL E 75 19.65 8.10 11.66
C VAL E 75 20.73 8.19 10.59
N ALA E 76 21.20 9.43 10.33
CA ALA E 76 22.25 9.71 9.35
C ALA E 76 22.94 11.04 9.68
N VAL E 77 24.10 10.98 10.35
CA VAL E 77 24.87 12.17 10.68
C VAL E 77 25.86 12.49 9.54
N TRP E 78 25.94 13.80 9.16
CA TRP E 78 26.83 14.35 8.12
C TRP E 78 27.64 15.53 8.67
N THR E 79 28.82 15.75 8.09
CA THR E 79 29.74 16.85 8.38
C THR E 79 29.82 17.60 7.04
N THR E 80 29.34 18.83 6.99
CA THR E 80 29.19 19.68 5.81
C THR E 80 30.43 20.60 5.55
N PRO E 81 30.73 21.08 4.31
CA PRO E 81 31.85 22.04 4.16
C PRO E 81 31.70 23.28 5.04
N GLU E 82 30.47 23.60 5.50
CA GLU E 82 30.23 24.75 6.34
C GLU E 82 30.37 24.39 7.86
N SER E 83 30.91 23.16 8.21
CA SER E 83 31.17 22.69 9.60
C SER E 83 32.54 23.28 10.03
N VAL E 84 32.64 24.60 9.97
CA VAL E 84 33.91 25.32 10.18
C VAL E 84 34.47 25.19 11.62
N GLU E 85 33.58 24.98 12.65
CA GLU E 85 34.02 24.83 14.06
C GLU E 85 34.70 23.47 14.31
N ALA E 86 34.63 22.50 13.34
CA ALA E 86 35.31 21.17 13.46
C ALA E 86 36.80 21.49 13.56
N GLY E 87 37.35 21.21 14.70
CA GLY E 87 38.74 21.58 14.99
C GLY E 87 38.78 22.10 16.40
N ALA E 88 37.96 23.13 16.64
CA ALA E 88 37.74 23.69 17.97
C ALA E 88 36.88 22.70 18.78
N VAL E 89 35.85 22.11 18.12
CA VAL E 89 34.97 21.08 18.70
C VAL E 89 35.83 19.83 19.03
N PHE E 90 36.75 19.49 18.13
CA PHE E 90 37.65 18.36 18.26
C PHE E 90 38.62 18.54 19.43
N ALA E 91 39.02 19.79 19.72
CA ALA E 91 39.85 20.08 20.88
C ALA E 91 39.10 19.84 22.20
N GLU E 92 37.76 20.02 22.19
CA GLU E 92 36.92 19.83 23.37
C GLU E 92 36.62 18.35 23.60
N ILE E 93 36.00 17.69 22.61
CA ILE E 93 35.59 16.30 22.74
C ILE E 93 36.72 15.28 22.39
N GLY E 94 37.78 15.73 21.75
CA GLY E 94 38.89 14.88 21.31
C GLY E 94 39.53 14.05 22.40
N PRO E 95 40.03 14.70 23.48
CA PRO E 95 40.61 13.91 24.56
C PRO E 95 39.67 12.88 25.19
N ARG E 96 38.35 13.18 25.27
CA ARG E 96 37.37 12.24 25.82
C ARG E 96 37.15 11.05 24.87
N MET E 97 37.17 11.31 23.56
CA MET E 97 37.04 10.23 22.57
C MET E 97 38.25 9.28 22.65
N ALA E 98 39.44 9.81 22.96
CA ALA E 98 40.65 9.02 23.11
C ALA E 98 40.55 8.13 24.36
N GLU E 99 39.97 8.68 25.47
CA GLU E 99 39.70 7.93 26.70
C GLU E 99 38.74 6.77 26.37
N LEU E 100 37.64 7.06 25.63
CA LEU E 100 36.66 6.04 25.27
C LEU E 100 37.25 4.97 24.35
N SER E 101 38.21 5.34 23.49
CA SER E 101 38.89 4.35 22.65
C SER E 101 39.68 3.34 23.55
N GLY E 102 40.26 3.86 24.64
CA GLY E 102 41.00 3.08 25.60
C GLY E 102 42.23 2.41 25.01
N SER E 103 42.34 1.11 25.26
CA SER E 103 43.44 0.26 24.78
C SER E 103 43.54 0.22 23.24
N ARG E 104 42.44 0.52 22.52
CA ARG E 104 42.42 0.51 21.06
C ARG E 104 42.79 1.85 20.40
N LEU E 105 43.35 2.79 21.18
CA LEU E 105 43.72 4.10 20.64
C LEU E 105 44.83 4.00 19.58
N ALA E 106 45.79 3.10 19.78
CA ALA E 106 46.85 2.90 18.81
C ALA E 106 46.29 2.37 17.49
N ALA E 107 45.32 1.42 17.58
CA ALA E 107 44.63 0.83 16.43
C ALA E 107 43.81 1.87 15.67
N GLN E 108 43.08 2.73 16.42
CA GLN E 108 42.31 3.83 15.85
C GLN E 108 43.25 4.79 15.08
N GLN E 109 44.37 5.18 15.73
CA GLN E 109 45.34 6.08 15.12
C GLN E 109 46.04 5.47 13.90
N GLN E 110 46.34 4.18 13.94
CA GLN E 110 46.92 3.47 12.80
C GLN E 110 45.95 3.51 11.62
N MET E 111 44.67 3.20 11.89
CA MET E 111 43.63 3.16 10.87
C MET E 111 43.38 4.54 10.25
N GLU E 112 43.47 5.59 11.05
CA GLU E 112 43.31 6.96 10.55
C GLU E 112 44.41 7.31 9.55
N GLY E 113 45.65 6.87 9.83
CA GLY E 113 46.79 7.09 8.95
C GLY E 113 46.67 6.39 7.60
N LEU E 114 45.97 5.24 7.58
CA LEU E 114 45.74 4.49 6.35
C LEU E 114 44.64 5.10 5.49
N LEU E 115 43.62 5.68 6.13
CA LEU E 115 42.46 6.27 5.44
C LEU E 115 42.65 7.72 5.05
N ALA E 116 43.42 8.48 5.85
CA ALA E 116 43.63 9.90 5.58
C ALA E 116 44.02 10.24 4.13
N PRO E 117 44.94 9.48 3.51
CA PRO E 117 45.31 9.82 2.11
C PRO E 117 44.18 9.67 1.09
N HIS E 118 43.18 8.86 1.39
CA HIS E 118 42.08 8.60 0.47
C HIS E 118 40.87 9.52 0.69
N ARG E 119 40.91 10.43 1.68
CA ARG E 119 39.83 11.36 1.93
C ARG E 119 39.95 12.52 0.95
N PRO E 120 38.84 13.19 0.59
CA PRO E 120 38.95 14.34 -0.32
C PRO E 120 39.64 15.54 0.33
N LYS E 121 40.67 16.08 -0.33
CA LYS E 121 41.34 17.29 0.15
C LYS E 121 40.50 18.57 -0.17
N GLU E 122 39.48 18.44 -1.05
CA GLU E 122 38.58 19.54 -1.43
C GLU E 122 37.34 19.55 -0.47
N PRO E 123 36.54 20.64 -0.48
CA PRO E 123 35.32 20.66 0.35
C PRO E 123 34.34 19.56 -0.04
N ALA E 124 33.73 18.92 0.96
CA ALA E 124 32.86 17.77 0.74
C ALA E 124 31.86 17.54 1.89
N TRP E 125 30.80 16.74 1.63
CA TRP E 125 29.82 16.29 2.63
C TRP E 125 30.30 14.91 3.07
N PHE E 126 30.62 14.77 4.33
CA PHE E 126 31.12 13.52 4.86
C PHE E 126 30.05 12.84 5.71
N LEU E 127 29.61 11.64 5.31
CA LEU E 127 28.63 10.88 6.09
C LEU E 127 29.34 10.17 7.27
N ALA E 128 29.33 10.85 8.44
CA ALA E 128 30.04 10.42 9.65
C ALA E 128 29.58 9.05 10.18
N THR E 129 28.25 8.84 10.17
CA THR E 129 27.64 7.60 10.64
C THR E 129 26.18 7.52 10.16
N VAL E 130 25.69 6.30 10.08
CA VAL E 130 24.32 5.99 9.69
C VAL E 130 23.99 4.60 10.29
N GLY E 131 22.96 4.55 11.12
CA GLY E 131 22.47 3.35 11.77
C GLY E 131 20.96 3.25 11.68
N VAL E 132 20.45 2.01 11.62
CA VAL E 132 19.01 1.69 11.57
C VAL E 132 18.76 0.67 12.70
N SER E 133 17.67 0.81 13.51
CA SER E 133 17.39 -0.13 14.61
C SER E 133 17.36 -1.57 14.06
N PRO E 134 18.13 -2.51 14.64
CA PRO E 134 18.18 -3.87 14.07
C PRO E 134 16.83 -4.51 13.67
N ASP E 135 15.78 -4.26 14.44
CA ASP E 135 14.45 -4.81 14.15
C ASP E 135 13.74 -4.14 12.94
N HIS E 136 14.24 -2.97 12.50
CA HIS E 136 13.75 -2.21 11.35
C HIS E 136 14.72 -2.23 10.16
N GLN E 137 15.78 -3.05 10.22
CA GLN E 137 16.72 -3.13 9.11
C GLN E 137 16.08 -3.93 7.95
N GLY E 138 16.52 -3.63 6.75
CA GLY E 138 16.05 -4.26 5.52
C GLY E 138 14.71 -3.75 5.00
N LYS E 139 14.08 -2.77 5.69
CA LYS E 139 12.77 -2.23 5.29
C LYS E 139 12.87 -0.93 4.46
N GLY E 140 14.07 -0.50 4.07
CA GLY E 140 14.27 0.72 3.28
C GLY E 140 14.52 2.00 4.06
N LEU E 141 14.59 1.93 5.41
CA LEU E 141 14.80 3.13 6.22
C LEU E 141 16.18 3.77 6.02
N GLY E 142 17.22 2.95 5.94
CA GLY E 142 18.58 3.41 5.71
C GLY E 142 18.74 4.23 4.44
N SER E 143 18.13 3.78 3.35
CA SER E 143 18.16 4.54 2.09
C SER E 143 17.46 5.88 2.21
N ALA E 144 16.31 5.87 2.92
CA ALA E 144 15.49 7.07 3.07
C ALA E 144 16.16 8.15 3.90
N VAL E 145 16.86 7.78 4.98
CA VAL E 145 17.49 8.76 5.88
C VAL E 145 18.81 9.40 5.29
N VAL E 146 19.56 8.67 4.42
CA VAL E 146 20.78 9.21 3.79
C VAL E 146 20.51 9.97 2.49
N LEU E 147 19.38 9.69 1.83
CA LEU E 147 19.05 10.37 0.59
C LEU E 147 19.07 11.92 0.69
N PRO E 148 18.47 12.53 1.74
CA PRO E 148 18.50 14.01 1.82
C PRO E 148 19.90 14.59 1.84
N GLY E 149 20.83 13.97 2.58
CA GLY E 149 22.22 14.42 2.64
C GLY E 149 22.91 14.28 1.31
N VAL E 150 22.59 13.21 0.59
CA VAL E 150 23.12 12.94 -0.75
C VAL E 150 22.62 14.01 -1.73
N GLU E 151 21.31 14.35 -1.67
CA GLU E 151 20.72 15.38 -2.52
C GLU E 151 21.28 16.78 -2.16
N ALA E 152 21.52 17.03 -0.85
CA ALA E 152 22.10 18.28 -0.38
C ALA E 152 23.53 18.46 -0.89
N ALA E 153 24.35 17.41 -0.87
CA ALA E 153 25.71 17.49 -1.37
C ALA E 153 25.73 17.80 -2.87
N GLU E 154 24.79 17.20 -3.64
CA GLU E 154 24.68 17.43 -5.08
C GLU E 154 24.24 18.88 -5.35
N ARG E 155 23.25 19.39 -4.58
CA ARG E 155 22.77 20.77 -4.69
C ARG E 155 23.91 21.77 -4.40
N ALA E 156 24.75 21.47 -3.41
CA ALA E 156 25.93 22.28 -3.08
C ALA E 156 27.07 22.20 -4.11
N GLY E 157 27.02 21.25 -5.05
CA GLY E 157 28.04 21.06 -6.07
C GLY E 157 29.36 20.56 -5.53
N VAL E 158 29.33 19.78 -4.41
CA VAL E 158 30.51 19.16 -3.79
C VAL E 158 30.29 17.63 -3.67
N PRO E 159 31.37 16.84 -3.62
CA PRO E 159 31.20 15.38 -3.52
C PRO E 159 30.82 14.91 -2.10
N ALA E 160 30.10 13.79 -2.04
CA ALA E 160 29.73 13.16 -0.79
C ALA E 160 30.74 12.03 -0.59
N PHE E 161 31.17 11.84 0.64
CA PHE E 161 32.19 10.87 0.97
C PHE E 161 31.85 10.04 2.22
N LEU E 162 32.26 8.77 2.22
CA LEU E 162 32.09 7.87 3.37
C LEU E 162 33.13 6.73 3.38
N GLU E 163 33.23 6.03 4.53
CA GLU E 163 34.12 4.89 4.74
C GLU E 163 33.29 3.80 5.40
N THR E 164 33.42 2.56 4.92
CA THR E 164 32.70 1.43 5.49
C THR E 164 33.64 0.24 5.63
N SER E 165 33.55 -0.50 6.75
CA SER E 165 34.31 -1.71 7.07
C SER E 165 33.45 -3.00 6.98
N ALA E 166 32.18 -2.88 6.54
CA ALA E 166 31.24 -3.98 6.36
C ALA E 166 30.91 -4.11 4.85
N PRO E 167 31.32 -5.20 4.18
CA PRO E 167 31.03 -5.34 2.74
C PRO E 167 29.56 -5.48 2.36
N ARG E 168 28.70 -5.80 3.34
CA ARG E 168 27.25 -5.89 3.13
C ARG E 168 26.69 -4.55 2.64
N ASN E 169 27.31 -3.43 3.12
CA ASN E 169 26.89 -2.05 2.83
C ASN E 169 27.25 -1.60 1.42
N LEU E 170 28.24 -2.25 0.74
CA LEU E 170 28.66 -1.79 -0.58
C LEU E 170 27.50 -1.71 -1.59
N PRO E 171 26.63 -2.73 -1.74
CA PRO E 171 25.50 -2.61 -2.68
C PRO E 171 24.55 -1.47 -2.29
N PHE E 172 24.26 -1.38 -1.00
CA PHE E 172 23.41 -0.34 -0.40
C PHE E 172 23.86 1.08 -0.87
N TYR E 173 25.17 1.35 -0.73
CA TYR E 173 25.76 2.63 -1.09
C TYR E 173 25.87 2.81 -2.59
N GLU E 174 26.18 1.75 -3.32
CA GLU E 174 26.29 1.78 -4.78
C GLU E 174 24.95 2.22 -5.41
N ARG E 175 23.81 1.72 -4.87
CA ARG E 175 22.46 2.10 -5.33
C ARG E 175 22.21 3.62 -5.20
N LEU E 176 22.79 4.24 -4.14
CA LEU E 176 22.72 5.69 -3.90
C LEU E 176 23.67 6.54 -4.77
N GLY E 177 24.45 5.91 -5.66
CA GLY E 177 25.35 6.60 -6.56
C GLY E 177 26.80 6.69 -6.13
N PHE E 178 27.16 6.02 -5.02
CA PHE E 178 28.54 5.98 -4.53
C PHE E 178 29.37 4.98 -5.29
N THR E 179 30.67 5.28 -5.41
CA THR E 179 31.66 4.42 -6.07
C THR E 179 32.88 4.24 -5.17
N VAL E 180 33.43 3.02 -5.14
CA VAL E 180 34.63 2.74 -4.36
C VAL E 180 35.82 3.49 -4.98
N THR E 181 36.42 4.37 -4.19
CA THR E 181 37.61 5.14 -4.56
C THR E 181 38.90 4.58 -3.85
N ALA E 182 38.74 3.70 -2.83
CA ALA E 182 39.87 3.07 -2.16
C ALA E 182 39.41 1.78 -1.47
N ASP E 183 40.25 0.74 -1.54
CA ASP E 183 40.03 -0.57 -0.90
C ASP E 183 41.27 -0.75 0.00
N VAL E 184 41.12 -0.41 1.29
CA VAL E 184 42.21 -0.36 2.25
C VAL E 184 42.25 -1.60 3.17
N GLU E 185 43.43 -2.22 3.26
CA GLU E 185 43.68 -3.36 4.11
C GLU E 185 44.28 -2.81 5.42
N VAL E 186 43.65 -3.13 6.54
CA VAL E 186 44.10 -2.68 7.85
C VAL E 186 44.82 -3.85 8.52
N PRO E 187 46.07 -3.66 9.01
CA PRO E 187 46.79 -4.76 9.66
C PRO E 187 46.14 -5.19 10.95
N GLU E 188 45.78 -6.50 11.01
CA GLU E 188 45.06 -7.10 12.13
C GLU E 188 43.68 -6.42 12.35
N GLY E 189 43.16 -5.78 11.30
CA GLY E 189 41.92 -5.05 11.31
C GLY E 189 41.08 -5.34 10.09
N PRO E 190 39.89 -4.71 10.04
CA PRO E 190 38.98 -4.98 8.91
C PRO E 190 39.30 -4.23 7.64
N ARG E 191 38.97 -4.86 6.51
CA ARG E 191 39.10 -4.26 5.19
C ARG E 191 38.06 -3.11 5.15
N THR E 192 38.51 -1.89 4.75
CA THR E 192 37.69 -0.66 4.71
C THR E 192 37.66 -0.07 3.31
N TRP E 193 36.48 0.29 2.86
CA TRP E 193 36.23 0.86 1.54
C TRP E 193 35.84 2.33 1.63
N CYS E 194 36.54 3.20 0.89
CA CYS E 194 36.23 4.63 0.82
C CYS E 194 35.37 4.81 -0.39
N MET E 195 34.30 5.59 -0.27
CA MET E 195 33.40 5.84 -1.37
C MET E 195 33.07 7.28 -1.52
N THR E 196 32.98 7.68 -2.77
CA THR E 196 32.68 9.03 -3.19
C THR E 196 31.52 9.01 -4.17
N ARG E 197 30.73 10.07 -4.12
CA ARG E 197 29.63 10.32 -5.03
C ARG E 197 29.78 11.78 -5.50
N LYS E 198 30.27 11.96 -6.73
CA LYS E 198 30.45 13.30 -7.30
C LYS E 198 29.07 13.85 -7.71
N PRO E 199 28.88 15.19 -7.76
CA PRO E 199 27.56 15.70 -8.21
C PRO E 199 27.23 15.30 -9.67
N GLY E 200 26.08 14.64 -9.83
CA GLY E 200 25.58 14.14 -11.11
C GLY E 200 25.82 12.67 -11.35
N ALA E 201 25.80 11.85 -10.26
CA ALA E 201 26.03 10.41 -10.36
C ALA E 201 24.73 9.63 -10.67
N LYS F 7 -33.46 17.02 -7.40
CA LYS F 7 -32.71 16.72 -6.17
C LYS F 7 -31.18 16.54 -6.46
N PRO F 8 -30.32 17.21 -5.67
CA PRO F 8 -28.87 17.12 -5.91
C PRO F 8 -28.18 15.88 -5.35
N THR F 9 -27.00 15.58 -5.97
CA THR F 9 -26.16 14.45 -5.56
C THR F 9 -25.13 14.97 -4.58
N VAL F 10 -25.25 14.55 -3.31
CA VAL F 10 -24.37 14.94 -2.21
C VAL F 10 -23.44 13.79 -1.86
N ARG F 11 -22.15 14.12 -1.66
CA ARG F 11 -21.14 13.14 -1.28
C ARG F 11 -19.92 13.81 -0.62
N LEU F 12 -19.07 13.00 0.02
CA LEU F 12 -17.86 13.52 0.62
C LEU F 12 -16.91 13.96 -0.48
N ALA F 13 -16.21 15.06 -0.19
CA ALA F 13 -15.26 15.64 -1.10
C ALA F 13 -13.93 14.87 -1.13
N THR F 14 -13.23 14.97 -2.28
CA THR F 14 -11.90 14.43 -2.56
C THR F 14 -10.98 15.61 -2.97
N ARG F 15 -9.66 15.38 -3.07
CA ARG F 15 -8.70 16.42 -3.47
C ARG F 15 -9.01 16.97 -4.86
N ASP F 16 -9.59 16.10 -5.74
CA ASP F 16 -9.98 16.43 -7.11
C ASP F 16 -11.07 17.54 -7.16
N ASP F 17 -11.84 17.70 -6.07
CA ASP F 17 -12.91 18.69 -5.97
C ASP F 17 -12.44 20.07 -5.46
N VAL F 18 -11.18 20.19 -4.99
CA VAL F 18 -10.68 21.44 -4.41
C VAL F 18 -10.81 22.65 -5.36
N PRO F 19 -10.40 22.55 -6.66
CA PRO F 19 -10.48 23.74 -7.52
C PRO F 19 -11.91 24.29 -7.67
N ARG F 20 -12.89 23.39 -7.94
CA ARG F 20 -14.29 23.81 -8.07
C ARG F 20 -14.79 24.38 -6.72
N ALA F 21 -14.60 23.64 -5.65
CA ALA F 21 -15.04 24.05 -4.31
C ALA F 21 -14.51 25.41 -3.89
N VAL F 22 -13.23 25.70 -4.16
CA VAL F 22 -12.62 26.97 -3.77
C VAL F 22 -13.24 28.13 -4.58
N ARG F 23 -13.54 27.98 -5.89
CA ARG F 23 -14.18 29.08 -6.64
C ARG F 23 -15.64 29.23 -6.17
N THR F 24 -16.30 28.08 -5.71
CA THR F 24 -17.67 28.12 -5.16
C THR F 24 -17.65 29.01 -3.95
N LEU F 25 -16.66 28.76 -3.03
CA LEU F 25 -16.53 29.49 -1.77
C LEU F 25 -16.07 30.94 -1.98
N ALA F 26 -15.16 31.18 -2.91
CA ALA F 26 -14.72 32.54 -3.19
C ALA F 26 -15.92 33.39 -3.71
N ALA F 27 -16.70 32.84 -4.67
CA ALA F 27 -17.85 33.52 -5.25
C ALA F 27 -18.99 33.70 -4.24
N ALA F 28 -19.25 32.68 -3.40
CA ALA F 28 -20.30 32.74 -2.39
C ALA F 28 -20.00 33.75 -1.29
N PHE F 29 -18.72 33.91 -0.89
CA PHE F 29 -18.32 34.84 0.17
C PHE F 29 -17.87 36.22 -0.30
N ALA F 30 -18.06 36.52 -1.60
CA ALA F 30 -17.67 37.80 -2.19
C ALA F 30 -18.21 39.00 -1.41
N ASP F 31 -19.49 38.97 -0.96
CA ASP F 31 -20.07 40.11 -0.21
C ASP F 31 -20.56 39.72 1.19
N TYR F 32 -19.92 38.74 1.82
CA TYR F 32 -20.31 38.30 3.16
C TYR F 32 -19.88 39.32 4.23
N PRO F 33 -20.78 39.75 5.15
CA PRO F 33 -20.37 40.79 6.11
C PRO F 33 -19.16 40.48 6.99
N ALA F 34 -19.05 39.23 7.48
CA ALA F 34 -17.94 38.85 8.35
C ALA F 34 -16.61 38.87 7.61
N THR F 35 -16.59 38.38 6.36
CA THR F 35 -15.35 38.34 5.57
C THR F 35 -14.95 39.75 5.07
N ARG F 36 -15.91 40.62 4.82
CA ARG F 36 -15.63 42.01 4.49
C ARG F 36 -15.08 42.78 5.72
N HIS F 37 -15.58 42.44 6.89
CA HIS F 37 -15.12 43.06 8.12
C HIS F 37 -13.72 42.57 8.56
N THR F 38 -13.38 41.29 8.31
CA THR F 38 -12.13 40.69 8.81
C THR F 38 -11.02 40.44 7.77
N VAL F 39 -11.26 40.65 6.46
CA VAL F 39 -10.22 40.43 5.43
C VAL F 39 -9.97 41.75 4.71
N ASP F 40 -8.67 42.09 4.48
CA ASP F 40 -8.18 43.32 3.80
C ASP F 40 -8.90 43.57 2.50
N PRO F 41 -9.36 44.81 2.27
CA PRO F 41 -10.06 45.09 1.00
C PRO F 41 -9.17 45.12 -0.23
N ASP F 42 -7.84 45.30 -0.04
CA ASP F 42 -6.86 45.31 -1.13
C ASP F 42 -6.72 43.88 -1.63
N ARG F 43 -7.01 43.63 -2.94
CA ARG F 43 -6.98 42.29 -3.55
C ARG F 43 -7.85 41.31 -2.73
N HIS F 44 -9.02 41.81 -2.26
CA HIS F 44 -9.93 41.11 -1.37
C HIS F 44 -10.31 39.71 -1.83
N ILE F 45 -10.83 39.58 -3.03
CA ILE F 45 -11.26 38.30 -3.57
C ILE F 45 -10.12 37.28 -3.58
N GLU F 46 -8.91 37.72 -3.93
CA GLU F 46 -7.75 36.82 -3.97
C GLU F 46 -7.35 36.38 -2.58
N ARG F 47 -7.50 37.26 -1.57
CA ARG F 47 -7.18 36.96 -0.17
C ARG F 47 -8.20 36.00 0.43
N VAL F 48 -9.45 36.21 0.11
CA VAL F 48 -10.56 35.35 0.54
C VAL F 48 -10.43 33.98 -0.13
N THR F 49 -10.04 33.94 -1.41
CA THR F 49 -9.86 32.68 -2.13
C THR F 49 -8.75 31.83 -1.48
N GLU F 50 -7.62 32.47 -1.08
CA GLU F 50 -6.56 31.70 -0.44
C GLU F 50 -6.97 31.24 0.96
N LEU F 51 -7.71 32.04 1.72
CA LEU F 51 -8.19 31.62 3.03
C LEU F 51 -9.11 30.39 2.91
N GLN F 52 -10.02 30.43 1.91
CA GLN F 52 -10.95 29.32 1.69
C GLN F 52 -10.18 28.08 1.26
N GLU F 53 -9.14 28.24 0.42
CA GLU F 53 -8.31 27.13 -0.01
C GLU F 53 -7.55 26.53 1.17
N LEU F 54 -6.90 27.38 1.99
CA LEU F 54 -6.15 26.92 3.17
C LEU F 54 -7.04 26.19 4.15
N PHE F 55 -8.24 26.72 4.39
CA PHE F 55 -9.13 26.08 5.33
C PHE F 55 -9.63 24.74 4.73
N LEU F 56 -10.16 24.77 3.48
CA LEU F 56 -10.72 23.59 2.83
C LEU F 56 -9.75 22.43 2.81
N THR F 57 -8.48 22.71 2.47
CA THR F 57 -7.47 21.66 2.35
C THR F 57 -6.81 21.28 3.70
N ARG F 58 -6.11 22.25 4.34
CA ARG F 58 -5.32 22.02 5.54
C ARG F 58 -6.14 21.69 6.79
N VAL F 59 -7.41 22.12 6.82
CA VAL F 59 -8.31 21.86 7.93
C VAL F 59 -9.42 20.86 7.51
N GLY F 60 -10.30 21.24 6.57
CA GLY F 60 -11.39 20.40 6.10
C GLY F 60 -10.99 19.01 5.68
N LEU F 61 -10.23 18.88 4.59
CA LEU F 61 -9.86 17.56 4.08
C LEU F 61 -8.88 16.83 4.99
N ASP F 62 -7.84 17.54 5.50
CA ASP F 62 -6.84 16.90 6.37
C ASP F 62 -7.39 16.37 7.73
N ILE F 63 -8.12 17.22 8.50
CA ILE F 63 -8.58 16.81 9.85
C ILE F 63 -10.09 16.94 10.12
N GLY F 64 -10.86 17.54 9.21
CA GLY F 64 -12.30 17.68 9.37
C GLY F 64 -13.08 16.77 8.44
N LYS F 65 -14.30 17.22 8.05
CA LYS F 65 -15.20 16.51 7.13
C LYS F 65 -15.75 17.52 6.12
N VAL F 66 -15.64 17.20 4.83
CA VAL F 66 -16.10 18.08 3.75
C VAL F 66 -17.07 17.34 2.85
N TRP F 67 -18.23 17.98 2.57
CA TRP F 67 -19.24 17.49 1.64
C TRP F 67 -19.37 18.45 0.47
N VAL F 68 -19.85 17.92 -0.68
CA VAL F 68 -20.10 18.66 -1.91
C VAL F 68 -21.41 18.18 -2.54
N ALA F 69 -22.08 19.10 -3.26
CA ALA F 69 -23.25 18.76 -4.04
C ALA F 69 -22.96 19.16 -5.48
N ASP F 70 -23.30 18.28 -6.43
CA ASP F 70 -23.14 18.48 -7.86
C ASP F 70 -21.68 18.86 -8.21
N ASP F 71 -20.75 18.00 -7.73
CA ASP F 71 -19.31 18.09 -7.96
C ASP F 71 -18.65 19.42 -7.53
N GLY F 72 -19.21 20.07 -6.51
CA GLY F 72 -18.64 21.31 -5.99
C GLY F 72 -19.45 22.57 -6.25
N ALA F 73 -20.67 22.43 -6.78
CA ALA F 73 -21.58 23.58 -6.96
C ALA F 73 -21.95 24.19 -5.57
N ALA F 74 -21.97 23.33 -4.51
CA ALA F 74 -22.10 23.69 -3.10
C ALA F 74 -21.09 22.86 -2.29
N VAL F 75 -20.60 23.44 -1.19
CA VAL F 75 -19.59 22.85 -0.29
C VAL F 75 -20.00 23.12 1.17
N ALA F 76 -19.65 22.22 2.07
CA ALA F 76 -19.85 22.37 3.50
C ALA F 76 -18.60 21.79 4.18
N VAL F 77 -17.94 22.61 5.04
CA VAL F 77 -16.73 22.20 5.75
C VAL F 77 -17.02 22.18 7.25
N TRP F 78 -16.75 21.04 7.89
CA TRP F 78 -16.96 20.82 9.32
C TRP F 78 -15.66 20.42 9.99
N THR F 79 -15.57 20.73 11.29
CA THR F 79 -14.53 20.23 12.17
C THR F 79 -15.35 19.48 13.22
N THR F 80 -14.90 18.27 13.54
CA THR F 80 -15.62 17.37 14.42
C THR F 80 -14.84 17.21 15.73
N PRO F 81 -15.42 16.51 16.74
CA PRO F 81 -14.65 16.22 17.96
C PRO F 81 -13.40 15.35 17.74
N GLU F 82 -13.34 14.64 16.59
CA GLU F 82 -12.20 13.81 16.23
C GLU F 82 -11.12 14.57 15.42
N SER F 83 -11.25 15.92 15.28
CA SER F 83 -10.27 16.77 14.60
C SER F 83 -9.22 17.15 15.63
N VAL F 84 -8.49 16.13 16.06
CA VAL F 84 -7.50 16.24 17.14
C VAL F 84 -6.25 17.07 16.77
N GLU F 85 -5.83 17.08 15.48
CA GLU F 85 -4.64 17.86 15.05
C GLU F 85 -4.91 19.41 15.02
N ALA F 86 -6.19 19.85 15.17
CA ALA F 86 -6.55 21.29 15.18
C ALA F 86 -5.87 21.88 16.39
N GLY F 87 -4.93 22.75 16.13
CA GLY F 87 -4.06 23.30 17.18
C GLY F 87 -2.66 23.28 16.66
N ALA F 88 -2.20 22.09 16.26
CA ALA F 88 -0.92 21.91 15.59
C ALA F 88 -1.03 22.45 14.16
N VAL F 89 -2.17 22.19 13.47
CA VAL F 89 -2.48 22.71 12.14
C VAL F 89 -2.55 24.24 12.22
N PHE F 90 -3.18 24.76 13.29
CA PHE F 90 -3.37 26.18 13.51
C PHE F 90 -2.02 26.88 13.72
N ALA F 91 -1.06 26.21 14.34
CA ALA F 91 0.27 26.76 14.50
C ALA F 91 1.01 26.93 13.13
N GLU F 92 0.70 26.03 12.17
CA GLU F 92 1.29 26.03 10.86
C GLU F 92 0.64 27.06 9.93
N ILE F 93 -0.70 26.98 9.80
CA ILE F 93 -1.52 27.79 8.88
C ILE F 93 -1.90 29.18 9.48
N GLY F 94 -1.95 29.28 10.80
CA GLY F 94 -2.33 30.49 11.52
C GLY F 94 -1.61 31.79 11.14
N PRO F 95 -0.25 31.86 11.21
CA PRO F 95 0.45 33.09 10.80
C PRO F 95 0.18 33.56 9.36
N ARG F 96 -0.03 32.62 8.43
CA ARG F 96 -0.37 32.94 7.04
C ARG F 96 -1.80 33.55 6.95
N MET F 97 -2.72 33.03 7.75
CA MET F 97 -4.07 33.57 7.79
C MET F 97 -4.08 35.03 8.30
N ALA F 98 -3.17 35.36 9.23
CA ALA F 98 -3.01 36.71 9.78
C ALA F 98 -2.47 37.66 8.69
N GLU F 99 -1.53 37.16 7.85
CA GLU F 99 -1.00 37.89 6.70
C GLU F 99 -2.14 38.23 5.74
N LEU F 100 -2.93 37.21 5.33
CA LEU F 100 -4.03 37.38 4.37
C LEU F 100 -5.17 38.26 4.91
N SER F 101 -5.30 38.35 6.25
CA SER F 101 -6.28 39.24 6.89
C SER F 101 -5.82 40.70 6.67
N GLY F 102 -4.51 40.95 6.75
CA GLY F 102 -3.91 42.25 6.52
C GLY F 102 -4.29 43.31 7.50
N SER F 103 -4.70 44.48 7.00
CA SER F 103 -5.12 45.64 7.77
C SER F 103 -6.31 45.37 8.72
N ARG F 104 -7.12 44.33 8.42
CA ARG F 104 -8.29 43.97 9.23
C ARG F 104 -7.99 42.97 10.34
N LEU F 105 -6.69 42.73 10.66
CA LEU F 105 -6.31 41.76 11.68
C LEU F 105 -6.80 42.20 13.07
N ALA F 106 -6.78 43.49 13.36
CA ALA F 106 -7.28 43.99 14.63
C ALA F 106 -8.78 43.74 14.76
N ALA F 107 -9.54 43.96 13.65
CA ALA F 107 -10.99 43.74 13.59
C ALA F 107 -11.33 42.26 13.76
N GLN F 108 -10.56 41.37 13.09
CA GLN F 108 -10.71 39.93 13.20
C GLN F 108 -10.48 39.48 14.66
N GLN F 109 -9.41 39.98 15.29
CA GLN F 109 -9.07 39.65 16.67
C GLN F 109 -10.09 40.19 17.65
N GLN F 110 -10.62 41.38 17.41
CA GLN F 110 -11.68 41.97 18.24
C GLN F 110 -12.92 41.08 18.20
N MET F 111 -13.31 40.68 16.98
CA MET F 111 -14.49 39.85 16.76
C MET F 111 -14.36 38.46 17.37
N GLU F 112 -13.15 37.89 17.34
CA GLU F 112 -12.90 36.59 17.95
C GLU F 112 -13.10 36.64 19.46
N GLY F 113 -12.68 37.74 20.09
CA GLY F 113 -12.84 37.94 21.53
C GLY F 113 -14.29 38.05 21.96
N LEU F 114 -15.15 38.56 21.06
CA LEU F 114 -16.58 38.70 21.32
C LEU F 114 -17.33 37.38 21.17
N LEU F 115 -16.89 36.55 20.22
CA LEU F 115 -17.54 35.26 19.93
C LEU F 115 -17.03 34.09 20.76
N ALA F 116 -15.75 34.13 21.16
CA ALA F 116 -15.14 33.04 21.93
C ALA F 116 -15.95 32.60 23.14
N PRO F 117 -16.52 33.52 23.95
CA PRO F 117 -17.30 33.08 25.11
C PRO F 117 -18.56 32.29 24.79
N HIS F 118 -19.11 32.48 23.57
CA HIS F 118 -20.34 31.83 23.16
C HIS F 118 -20.15 30.51 22.43
N ARG F 119 -18.89 30.08 22.20
CA ARG F 119 -18.62 28.81 21.55
C ARG F 119 -18.74 27.68 22.56
N PRO F 120 -19.08 26.43 22.13
CA PRO F 120 -19.19 25.34 23.11
C PRO F 120 -17.84 24.90 23.63
N LYS F 121 -17.69 24.85 24.97
CA LYS F 121 -16.47 24.33 25.58
C LYS F 121 -16.46 22.77 25.61
N GLU F 122 -17.63 22.13 25.32
CA GLU F 122 -17.77 20.68 25.22
C GLU F 122 -17.48 20.20 23.75
N PRO F 123 -17.30 18.87 23.55
CA PRO F 123 -17.09 18.36 22.18
C PRO F 123 -18.31 18.63 21.29
N ALA F 124 -18.04 19.04 20.05
CA ALA F 124 -19.09 19.46 19.12
C ALA F 124 -18.62 19.39 17.64
N TRP F 125 -19.61 19.43 16.71
CA TRP F 125 -19.40 19.51 15.26
C TRP F 125 -19.55 20.99 14.92
N PHE F 126 -18.50 21.61 14.42
CA PHE F 126 -18.51 23.02 14.08
C PHE F 126 -18.56 23.20 12.56
N LEU F 127 -19.61 23.85 12.05
CA LEU F 127 -19.71 24.12 10.62
C LEU F 127 -18.85 25.38 10.30
N ALA F 128 -17.60 25.14 9.85
CA ALA F 128 -16.59 26.16 9.58
C ALA F 128 -17.02 27.08 8.48
N THR F 129 -17.53 26.52 7.36
CA THR F 129 -17.99 27.33 6.23
C THR F 129 -18.91 26.52 5.32
N VAL F 130 -19.84 27.20 4.69
CA VAL F 130 -20.76 26.61 3.72
C VAL F 130 -21.01 27.68 2.64
N GLY F 131 -20.92 27.25 1.38
CA GLY F 131 -21.12 28.12 0.25
C GLY F 131 -21.74 27.43 -0.93
N VAL F 132 -22.68 28.14 -1.61
CA VAL F 132 -23.36 27.70 -2.83
C VAL F 132 -23.04 28.72 -3.90
N SER F 133 -22.58 28.26 -5.10
CA SER F 133 -22.23 29.15 -6.21
C SER F 133 -23.42 30.09 -6.53
N PRO F 134 -23.22 31.43 -6.55
CA PRO F 134 -24.34 32.39 -6.70
C PRO F 134 -25.44 32.03 -7.71
N ASP F 135 -25.06 31.45 -8.85
CA ASP F 135 -26.01 31.09 -9.90
C ASP F 135 -26.87 29.85 -9.55
N HIS F 136 -26.48 29.09 -8.51
CA HIS F 136 -27.19 27.92 -7.98
C HIS F 136 -27.80 28.17 -6.61
N GLN F 137 -27.81 29.43 -6.12
CA GLN F 137 -28.41 29.72 -4.83
C GLN F 137 -29.95 29.69 -4.95
N GLY F 138 -30.62 29.40 -3.84
CA GLY F 138 -32.07 29.31 -3.78
C GLY F 138 -32.68 28.03 -4.35
N LYS F 139 -31.85 27.09 -4.87
CA LYS F 139 -32.33 25.85 -5.45
C LYS F 139 -32.30 24.64 -4.48
N GLY F 140 -32.01 24.85 -3.21
CA GLY F 140 -31.98 23.78 -2.21
C GLY F 140 -30.66 23.10 -2.00
N LEU F 141 -29.58 23.54 -2.69
CA LEU F 141 -28.27 22.90 -2.55
C LEU F 141 -27.66 23.08 -1.17
N GLY F 142 -27.79 24.27 -0.59
CA GLY F 142 -27.26 24.58 0.73
C GLY F 142 -27.80 23.66 1.80
N SER F 143 -29.12 23.42 1.78
CA SER F 143 -29.74 22.52 2.74
C SER F 143 -29.24 21.09 2.56
N ALA F 144 -29.19 20.64 1.32
CA ALA F 144 -28.77 19.29 1.03
C ALA F 144 -27.33 19.01 1.44
N VAL F 145 -26.42 20.00 1.27
CA VAL F 145 -24.99 19.78 1.52
C VAL F 145 -24.59 19.94 3.00
N VAL F 146 -25.38 20.66 3.83
CA VAL F 146 -25.07 20.78 5.27
C VAL F 146 -25.79 19.72 6.12
N LEU F 147 -26.74 18.99 5.50
CA LEU F 147 -27.54 17.96 6.15
C LEU F 147 -26.74 16.70 6.60
N PRO F 148 -25.83 16.19 5.76
CA PRO F 148 -25.04 15.01 6.17
C PRO F 148 -24.27 15.21 7.48
N GLY F 149 -23.74 16.44 7.69
CA GLY F 149 -22.99 16.83 8.87
C GLY F 149 -23.86 16.99 10.10
N VAL F 150 -25.08 17.52 9.88
CA VAL F 150 -26.09 17.69 10.92
C VAL F 150 -26.53 16.30 11.44
N GLU F 151 -26.78 15.34 10.53
CA GLU F 151 -27.18 13.98 10.91
C GLU F 151 -26.02 13.28 11.63
N ALA F 152 -24.77 13.51 11.18
CA ALA F 152 -23.58 12.94 11.80
C ALA F 152 -23.40 13.44 13.24
N ALA F 153 -23.61 14.74 13.48
CA ALA F 153 -23.49 15.30 14.83
C ALA F 153 -24.54 14.70 15.77
N GLU F 154 -25.78 14.49 15.26
CA GLU F 154 -26.86 13.91 16.05
C GLU F 154 -26.54 12.43 16.38
N ARG F 155 -26.02 11.66 15.38
CA ARG F 155 -25.62 10.27 15.57
C ARG F 155 -24.53 10.17 16.65
N ALA F 156 -23.57 11.10 16.63
CA ALA F 156 -22.49 11.17 17.63
C ALA F 156 -22.96 11.61 19.04
N GLY F 157 -24.18 12.11 19.17
CA GLY F 157 -24.72 12.58 20.44
C GLY F 157 -24.06 13.85 20.95
N VAL F 158 -23.62 14.73 20.03
CA VAL F 158 -22.96 16.00 20.37
C VAL F 158 -23.66 17.13 19.59
N PRO F 159 -23.60 18.37 20.12
CA PRO F 159 -24.24 19.48 19.40
C PRO F 159 -23.47 19.92 18.15
N ALA F 160 -24.21 20.53 17.24
CA ALA F 160 -23.68 21.13 16.03
C ALA F 160 -23.68 22.64 16.30
N PHE F 161 -22.63 23.34 15.88
CA PHE F 161 -22.47 24.76 16.16
C PHE F 161 -22.00 25.55 14.93
N LEU F 162 -22.47 26.79 14.83
CA LEU F 162 -22.09 27.72 13.76
C LEU F 162 -22.28 29.21 14.15
N GLU F 163 -21.69 30.12 13.38
CA GLU F 163 -21.77 31.58 13.55
C GLU F 163 -22.11 32.16 12.20
N THR F 164 -23.08 33.08 12.16
CA THR F 164 -23.46 33.74 10.93
C THR F 164 -23.62 35.24 11.18
N SER F 165 -23.16 36.08 10.24
CA SER F 165 -23.24 37.53 10.24
C SER F 165 -24.26 38.07 9.20
N ALA F 166 -24.99 37.17 8.49
CA ALA F 166 -26.02 37.50 7.51
C ALA F 166 -27.38 37.02 8.07
N PRO F 167 -28.31 37.94 8.39
CA PRO F 167 -29.61 37.52 8.94
C PRO F 167 -30.51 36.72 7.99
N ARG F 168 -30.28 36.79 6.67
CA ARG F 168 -31.07 36.02 5.70
C ARG F 168 -30.83 34.49 5.91
N ASN F 169 -29.67 34.09 6.51
CA ASN F 169 -29.35 32.68 6.79
C ASN F 169 -30.09 32.14 8.01
N LEU F 170 -30.62 33.00 8.92
CA LEU F 170 -31.28 32.51 10.13
C LEU F 170 -32.44 31.56 9.82
N PRO F 171 -33.37 31.88 8.88
CA PRO F 171 -34.44 30.92 8.57
C PRO F 171 -33.90 29.60 8.01
N PHE F 172 -32.87 29.67 7.15
CA PHE F 172 -32.22 28.52 6.52
C PHE F 172 -31.69 27.52 7.55
N TYR F 173 -31.02 28.03 8.62
CA TYR F 173 -30.50 27.22 9.71
C TYR F 173 -31.57 26.80 10.70
N GLU F 174 -32.59 27.64 10.91
CA GLU F 174 -33.71 27.31 11.80
C GLU F 174 -34.45 26.08 11.24
N ARG F 175 -34.64 26.00 9.89
CA ARG F 175 -35.28 24.85 9.23
C ARG F 175 -34.51 23.55 9.48
N LEU F 176 -33.16 23.64 9.57
CA LEU F 176 -32.29 22.51 9.86
C LEU F 176 -32.23 22.13 11.36
N GLY F 177 -32.97 22.83 12.21
CA GLY F 177 -33.05 22.54 13.65
C GLY F 177 -32.15 23.36 14.57
N PHE F 178 -31.47 24.36 14.02
CA PHE F 178 -30.60 25.21 14.82
C PHE F 178 -31.41 26.28 15.54
N THR F 179 -30.86 26.74 16.67
CA THR F 179 -31.45 27.81 17.49
C THR F 179 -30.37 28.84 17.87
N VAL F 180 -30.75 30.12 17.89
CA VAL F 180 -29.84 31.18 18.27
C VAL F 180 -29.53 31.05 19.77
N THR F 181 -28.24 30.89 20.09
CA THR F 181 -27.72 30.81 21.46
C THR F 181 -26.96 32.12 21.85
N ALA F 182 -26.64 33.00 20.89
CA ALA F 182 -26.03 34.30 21.17
C ALA F 182 -26.31 35.28 20.04
N ASP F 183 -26.60 36.53 20.41
CA ASP F 183 -26.87 37.65 19.49
C ASP F 183 -25.81 38.71 19.87
N VAL F 184 -24.70 38.72 19.13
CA VAL F 184 -23.52 39.51 19.42
C VAL F 184 -23.44 40.75 18.53
N GLU F 185 -23.26 41.91 19.15
CA GLU F 185 -23.10 43.17 18.47
C GLU F 185 -21.59 43.41 18.35
N VAL F 186 -21.11 43.62 17.12
CA VAL F 186 -19.69 43.87 16.87
C VAL F 186 -19.53 45.38 16.64
N PRO F 187 -18.61 46.05 17.38
CA PRO F 187 -18.44 47.50 17.19
C PRO F 187 -17.89 47.83 15.80
N GLU F 188 -18.64 48.67 15.08
CA GLU F 188 -18.36 49.05 13.68
C GLU F 188 -18.30 47.82 12.75
N GLY F 189 -18.96 46.74 13.16
CA GLY F 189 -19.00 45.47 12.47
C GLY F 189 -20.40 44.89 12.44
N PRO F 190 -20.53 43.74 11.79
CA PRO F 190 -21.85 43.15 11.63
C PRO F 190 -22.38 42.42 12.84
N ARG F 191 -23.69 42.52 13.06
CA ARG F 191 -24.38 41.78 14.14
C ARG F 191 -24.30 40.28 13.80
N THR F 192 -23.77 39.46 14.72
CA THR F 192 -23.51 38.03 14.51
C THR F 192 -24.35 37.17 15.44
N TRP F 193 -24.79 36.02 14.96
CA TRP F 193 -25.58 35.08 15.73
C TRP F 193 -24.85 33.77 15.80
N CYS F 194 -24.77 33.23 16.99
CA CYS F 194 -24.22 31.90 17.25
C CYS F 194 -25.39 30.97 17.31
N MET F 195 -25.30 29.82 16.64
CA MET F 195 -26.37 28.86 16.59
C MET F 195 -25.92 27.46 16.92
N THR F 196 -26.72 26.79 17.75
CA THR F 196 -26.49 25.43 18.20
C THR F 196 -27.70 24.58 17.84
N ARG F 197 -27.44 23.31 17.57
CA ARG F 197 -28.45 22.28 17.32
C ARG F 197 -28.08 21.09 18.20
N LYS F 198 -28.81 20.92 19.33
CA LYS F 198 -28.57 19.80 20.23
C LYS F 198 -29.13 18.52 19.59
N PRO F 199 -28.60 17.33 19.93
CA PRO F 199 -29.18 16.10 19.36
C PRO F 199 -30.66 15.89 19.77
N GLY F 200 -31.51 15.72 18.77
CA GLY F 200 -32.96 15.54 18.92
C GLY F 200 -33.78 16.81 18.70
N ALA F 201 -33.31 17.71 17.80
CA ALA F 201 -34.00 18.96 17.52
C ALA F 201 -35.06 18.79 16.43
#